data_4INE
#
_entry.id   4INE
#
_cell.length_a   57.131
_cell.length_b   68.011
_cell.length_c   74.742
_cell.angle_alpha   107.18
_cell.angle_beta   96.30
_cell.angle_gamma   106.51
#
_symmetry.space_group_name_H-M   'P 1'
#
loop_
_entity.id
_entity.type
_entity.pdbx_description
1 polymer 'Protein PMT-2'
2 non-polymer S-ADENOSYL-L-HOMOCYSTEINE
3 non-polymer 'PHOSPHORIC ACID MONO-(2-AMINO-ETHYL) ESTER'
4 non-polymer BETA-MERCAPTOETHANOL
5 water water
#
_entity_poly.entity_id   1
_entity_poly.type   'polypeptide(L)'
_entity_poly.pdbx_seq_one_letter_code
;MGSSHHHHHHSSGLVPRGSHMSSLSIPRQSLYYVNKVTEGRSVSNVQVVSPCQKQGQTYVTAFTPLTSNVQVHTSLEQLS
TIRNADVLIFNNALSQIITNADLLTDFLKNATAIGGTVIIREDLKDCSDKRQVARLTDYFDVFRTTDSDGNNTGLDLYTV
DQVEHSNYVEQNFLDFIFVFRKKVFAPTTDATITFRDFLDKTQYTNTGIDAYEWMFGVNFISPGGYDENLKIIKRFGDFK
PGQTMLDIGVGIGGGARQVADEFGVHVHGIDLSSNMLAIALERLHEEKDSRVKYSITDALVYQFEDNSFDYVFSRDCIQH
IPDTEKLFSRIYKALKPGGKVLITMYGKGYGEQSDKFKTYVAQRAYFLKNLKEIADIANKTGFVNVQTENMTPRFKEILL
EERGHLEQNEAEFMSKFTQRERDSLISGWTDKLGYIEKDNHNWNFFLAQKPFPK
;
_entity_poly.pdbx_strand_id   A,B
#
# COMPACT_ATOMS: atom_id res chain seq x y z
N SER A 22 -18.37 5.49 10.15
CA SER A 22 -18.88 4.13 9.78
C SER A 22 -17.76 3.07 9.74
N SER A 23 -16.78 3.22 8.85
CA SER A 23 -15.69 2.23 8.81
C SER A 23 -14.86 2.32 10.10
N LEU A 24 -14.66 1.18 10.77
CA LEU A 24 -13.91 1.22 12.02
C LEU A 24 -12.42 1.53 11.81
N SER A 25 -11.93 1.39 10.58
CA SER A 25 -10.52 1.72 10.33
C SER A 25 -10.24 3.20 10.61
N ILE A 26 -11.26 4.06 10.46
CA ILE A 26 -11.04 5.50 10.70
C ILE A 26 -10.70 5.82 12.18
N PRO A 27 -11.60 5.47 13.12
CA PRO A 27 -11.23 5.78 14.51
C PRO A 27 -10.03 4.95 15.00
N ARG A 28 -9.83 3.75 14.43
CA ARG A 28 -8.64 2.97 14.79
C ARG A 28 -7.36 3.66 14.35
N GLN A 29 -7.41 4.49 13.31
CA GLN A 29 -6.22 5.23 12.91
C GLN A 29 -5.88 6.25 13.99
N SER A 30 -6.90 6.89 14.56
CA SER A 30 -6.66 7.80 15.69
C SER A 30 -6.11 7.05 16.92
N LEU A 31 -6.63 5.86 17.19
CA LEU A 31 -6.10 5.06 18.30
C LEU A 31 -4.62 4.76 18.11
N TYR A 32 -4.25 4.43 16.88
CA TYR A 32 -2.86 4.19 16.55
C TYR A 32 -1.98 5.40 16.92
N TYR A 33 -2.38 6.62 16.54
CA TYR A 33 -1.60 7.80 16.93
C TYR A 33 -1.60 8.08 18.43
N VAL A 34 -2.74 7.86 19.09
CA VAL A 34 -2.78 8.09 20.52
C VAL A 34 -1.76 7.17 21.18
N ASN A 35 -1.69 5.93 20.73
CA ASN A 35 -0.71 4.99 21.28
C ASN A 35 0.72 5.48 21.06
N LYS A 36 0.98 6.08 19.89
CA LYS A 36 2.32 6.64 19.62
C LYS A 36 2.72 7.77 20.55
N VAL A 37 1.80 8.70 20.79
CA VAL A 37 2.15 9.93 21.53
C VAL A 37 1.93 9.85 23.04
N THR A 38 1.36 8.76 23.51
CA THR A 38 1.18 8.58 24.93
C THR A 38 2.10 7.50 25.45
N GLU A 39 3.10 7.18 24.68
CA GLU A 39 3.55 5.88 24.37
C GLU A 39 4.05 5.12 25.58
N GLY A 40 4.24 5.79 26.70
CA GLY A 40 4.27 5.11 27.97
C GLY A 40 3.04 5.27 28.89
N ARG A 41 2.60 6.50 29.00
CA ARG A 41 1.81 7.05 30.07
C ARG A 41 0.37 6.52 30.12
N SER A 42 -0.36 6.78 31.20
CA SER A 42 -1.69 6.22 31.30
C SER A 42 -2.74 7.10 30.68
N VAL A 43 -3.79 6.48 30.20
CA VAL A 43 -4.96 7.21 29.69
C VAL A 43 -6.20 6.76 30.45
N SER A 44 -6.77 7.66 31.24
CA SER A 44 -7.91 7.32 32.11
C SER A 44 -9.26 7.62 31.45
N ASN A 45 -9.28 8.50 30.46
CA ASN A 45 -10.53 8.83 29.80
C ASN A 45 -10.26 9.47 28.44
N VAL A 46 -11.22 9.30 27.54
CA VAL A 46 -11.20 9.86 26.18
C VAL A 46 -12.51 10.59 25.97
N GLN A 47 -12.43 11.84 25.55
CA GLN A 47 -13.63 12.63 25.24
C GLN A 47 -13.69 12.85 23.75
N VAL A 48 -14.81 12.49 23.14
CA VAL A 48 -14.95 12.60 21.68
C VAL A 48 -16.02 13.64 21.36
N VAL A 49 -15.73 14.59 20.49
CA VAL A 49 -16.74 15.57 20.05
C VAL A 49 -16.99 15.32 18.58
N SER A 50 -18.21 14.91 18.22
CA SER A 50 -18.54 14.48 16.88
C SER A 50 -19.99 14.82 16.55
N PRO A 51 -20.20 15.86 15.75
CA PRO A 51 -21.59 16.18 15.37
C PRO A 51 -22.33 14.99 14.76
N CYS A 52 -21.64 14.17 13.96
CA CYS A 52 -22.21 12.92 13.48
C CYS A 52 -22.18 11.88 14.60
N GLN A 53 -23.33 11.60 15.19
CA GLN A 53 -23.42 10.69 16.34
C GLN A 53 -22.95 9.28 16.03
N LYS A 54 -23.39 8.74 14.90
CA LYS A 54 -23.04 7.36 14.56
C LYS A 54 -21.53 7.20 14.41
N GLN A 55 -20.89 8.14 13.72
CA GLN A 55 -19.43 8.11 13.63
C GLN A 55 -18.79 8.26 15.00
N GLY A 56 -19.32 9.18 15.81
CA GLY A 56 -18.81 9.36 17.17
C GLY A 56 -18.81 8.04 17.92
N GLN A 57 -19.89 7.28 17.77
CA GLN A 57 -20.01 6.00 18.46
C GLN A 57 -18.93 5.00 18.04
N THR A 58 -18.49 5.09 16.79
CA THR A 58 -17.41 4.19 16.34
C THR A 58 -16.11 4.43 17.09
N TYR A 59 -15.90 5.63 17.64
CA TYR A 59 -14.73 5.87 18.50
C TYR A 59 -14.82 5.12 19.83
N VAL A 60 -16.02 5.03 20.39
CA VAL A 60 -16.20 4.25 21.60
C VAL A 60 -15.78 2.81 21.35
N THR A 61 -16.31 2.21 20.29
CA THR A 61 -16.00 0.85 19.93
C THR A 61 -14.50 0.66 19.70
N ALA A 62 -13.90 1.58 18.94
CA ALA A 62 -12.48 1.46 18.54
C ALA A 62 -11.49 1.61 19.69
N PHE A 63 -11.86 2.39 20.71
CA PHE A 63 -10.91 2.74 21.75
C PHE A 63 -10.88 1.79 22.93
N THR A 64 -11.78 0.81 22.94
CA THR A 64 -11.84 -0.14 24.04
C THR A 64 -10.48 -0.72 24.51
N PRO A 65 -9.59 -1.07 23.56
CA PRO A 65 -8.30 -1.62 24.00
C PRO A 65 -7.52 -0.67 24.92
N LEU A 66 -7.69 0.63 24.73
CA LEU A 66 -7.00 1.60 25.56
C LEU A 66 -7.79 1.84 26.84
N THR A 67 -9.08 2.12 26.70
CA THR A 67 -9.97 2.33 27.84
C THR A 67 -11.42 2.22 27.39
N SER A 68 -12.30 1.75 28.27
CA SER A 68 -13.72 1.83 27.98
C SER A 68 -14.30 3.15 28.45
N ASN A 69 -13.49 3.97 29.12
CA ASN A 69 -13.99 5.23 29.63
C ASN A 69 -13.94 6.30 28.53
N VAL A 70 -14.82 6.14 27.56
CA VAL A 70 -14.91 7.02 26.38
C VAL A 70 -16.32 7.59 26.27
N GLN A 71 -16.44 8.92 26.24
CA GLN A 71 -17.72 9.59 26.13
C GLN A 71 -17.81 10.40 24.84
N VAL A 72 -19.00 10.42 24.25
CA VAL A 72 -19.23 11.13 23.00
C VAL A 72 -20.17 12.29 23.22
N HIS A 73 -19.81 13.42 22.63
CA HIS A 73 -20.57 14.65 22.70
C HIS A 73 -20.81 15.09 21.28
N THR A 74 -21.90 15.79 20.99
CA THR A 74 -22.19 16.10 19.60
C THR A 74 -21.92 17.53 19.24
N SER A 75 -21.45 18.32 20.20
CA SER A 75 -21.31 19.74 19.97
C SER A 75 -20.10 20.34 20.66
N LEU A 76 -19.44 21.28 19.95
CA LEU A 76 -18.43 22.11 20.58
C LEU A 76 -19.02 22.91 21.74
N GLU A 77 -20.32 23.22 21.62
CA GLU A 77 -21.03 23.92 22.70
C GLU A 77 -20.84 23.21 24.03
N GLN A 78 -20.76 21.88 24.01
CA GLN A 78 -20.61 21.09 25.23
C GLN A 78 -19.14 21.02 25.67
N LEU A 79 -18.26 21.65 24.88
CA LEU A 79 -16.81 21.58 25.11
C LEU A 79 -16.38 22.26 26.41
N SER A 80 -16.84 23.49 26.63
CA SER A 80 -16.48 24.23 27.85
C SER A 80 -16.84 23.47 29.12
N THR A 81 -17.79 22.55 29.04
CA THR A 81 -18.24 21.82 30.23
C THR A 81 -17.36 20.60 30.54
N ILE A 82 -16.52 20.19 29.59
CA ILE A 82 -15.61 19.07 29.80
C ILE A 82 -14.37 19.47 30.61
N ARG A 83 -13.89 18.59 31.47
CA ARG A 83 -12.67 18.85 32.24
C ARG A 83 -11.68 17.69 32.18
N ASN A 84 -10.39 18.00 32.18
CA ASN A 84 -9.34 16.99 32.29
C ASN A 84 -9.56 15.79 31.37
N ALA A 85 -9.46 16.01 30.07
CA ALA A 85 -9.57 14.91 29.14
C ALA A 85 -8.16 14.45 28.75
N ASP A 86 -7.75 13.26 29.17
CA ASP A 86 -6.41 12.79 28.84
C ASP A 86 -6.23 12.76 27.33
N VAL A 87 -7.27 12.31 26.65
CA VAL A 87 -7.32 12.33 25.18
C VAL A 87 -8.61 13.05 24.80
N LEU A 88 -8.48 14.03 23.92
CA LEU A 88 -9.62 14.81 23.44
C LEU A 88 -9.63 14.71 21.92
N ILE A 89 -10.73 14.20 21.33
CA ILE A 89 -10.81 13.94 19.89
C ILE A 89 -11.95 14.73 19.29
N PHE A 90 -11.67 15.47 18.22
CA PHE A 90 -12.68 16.20 17.44
C PHE A 90 -12.86 15.51 16.11
N ASN A 91 -14.08 15.06 15.80
CA ASN A 91 -14.39 14.40 14.55
C ASN A 91 -15.29 15.25 13.66
N ASN A 92 -14.68 15.90 12.67
CA ASN A 92 -15.40 16.85 11.81
C ASN A 92 -16.18 17.86 12.62
N ALA A 93 -15.55 18.35 13.68
CA ALA A 93 -16.25 19.28 14.59
C ALA A 93 -16.05 20.73 14.19
N LEU A 94 -15.11 21.03 13.30
CA LEU A 94 -14.80 22.43 12.96
C LEU A 94 -15.37 22.85 11.62
N SER A 95 -16.07 21.96 10.94
CA SER A 95 -16.42 22.18 9.53
C SER A 95 -17.16 23.49 9.30
N GLN A 96 -17.99 23.87 10.25
CA GLN A 96 -18.86 25.05 10.06
C GLN A 96 -18.13 26.35 10.36
N ILE A 97 -17.05 26.28 11.14
CA ILE A 97 -16.42 27.49 11.68
C ILE A 97 -15.02 27.80 11.16
N ILE A 98 -14.51 26.94 10.27
CA ILE A 98 -13.12 27.07 9.84
C ILE A 98 -12.76 28.47 9.31
N THR A 99 -13.72 29.13 8.69
CA THR A 99 -13.41 30.41 8.06
C THR A 99 -13.36 31.61 9.00
N ASN A 100 -13.74 31.43 10.27
CA ASN A 100 -13.73 32.49 11.26
C ASN A 100 -12.63 32.28 12.32
N ALA A 101 -11.59 33.13 12.19
CA ALA A 101 -10.44 32.92 13.06
C ALA A 101 -10.75 33.14 14.54
N ASP A 102 -11.74 33.98 14.86
CA ASP A 102 -12.18 34.16 16.24
C ASP A 102 -12.79 32.87 16.81
N LEU A 103 -13.63 32.21 16.02
CA LEU A 103 -14.25 30.96 16.47
C LEU A 103 -13.16 29.89 16.59
N LEU A 104 -12.21 29.88 15.66
CA LEU A 104 -11.09 28.92 15.79
C LEU A 104 -10.28 29.20 17.07
N THR A 105 -10.03 30.47 17.38
CA THR A 105 -9.29 30.82 18.59
C THR A 105 -10.04 30.38 19.85
N ASP A 106 -11.34 30.62 19.90
CA ASP A 106 -12.15 30.16 21.02
C ASP A 106 -12.02 28.64 21.20
N PHE A 107 -12.14 27.91 20.10
CA PHE A 107 -11.96 26.46 20.10
C PHE A 107 -10.59 26.08 20.66
N LEU A 108 -9.55 26.72 20.17
CA LEU A 108 -8.19 26.37 20.60
C LEU A 108 -8.00 26.65 22.09
N LYS A 109 -8.58 27.73 22.59
CA LYS A 109 -8.46 28.04 24.01
C LYS A 109 -9.06 26.94 24.86
N ASN A 110 -10.26 26.48 24.46
CA ASN A 110 -10.92 25.40 25.19
C ASN A 110 -10.18 24.07 25.04
N ALA A 111 -9.80 23.72 23.81
CA ALA A 111 -9.13 22.43 23.60
C ALA A 111 -7.80 22.34 24.36
N THR A 112 -7.01 23.42 24.38
CA THR A 112 -5.70 23.40 25.01
C THR A 112 -5.88 23.31 26.52
N ALA A 113 -6.89 23.98 27.06
CA ALA A 113 -7.10 23.95 28.50
C ALA A 113 -7.50 22.56 29.00
N ILE A 114 -8.37 21.89 28.24
CA ILE A 114 -9.02 20.64 28.64
C ILE A 114 -8.17 19.41 28.32
N GLY A 115 -7.50 19.45 27.17
CA GLY A 115 -6.92 18.21 26.61
C GLY A 115 -5.45 17.98 26.90
N GLY A 116 -5.08 16.71 26.90
CA GLY A 116 -3.69 16.29 27.03
C GLY A 116 -3.19 15.96 25.63
N THR A 117 -3.62 14.84 25.08
CA THR A 117 -3.41 14.56 23.67
C THR A 117 -4.66 15.08 22.95
N VAL A 118 -4.45 15.88 21.91
CA VAL A 118 -5.55 16.46 21.16
C VAL A 118 -5.49 15.96 19.72
N ILE A 119 -6.58 15.33 19.28
CA ILE A 119 -6.69 14.78 17.93
C ILE A 119 -7.81 15.53 17.21
N ILE A 120 -7.51 16.03 16.02
CA ILE A 120 -8.52 16.75 15.22
C ILE A 120 -8.63 16.04 13.86
N ARG A 121 -9.72 15.33 13.62
CA ARG A 121 -10.00 14.77 12.29
C ARG A 121 -10.87 15.80 11.59
N GLU A 122 -10.42 16.29 10.45
CA GLU A 122 -11.25 17.24 9.70
C GLU A 122 -11.11 17.02 8.21
N ASP A 123 -12.23 16.81 7.53
CA ASP A 123 -12.25 16.60 6.09
C ASP A 123 -12.27 17.95 5.40
N LEU A 124 -11.26 18.26 4.61
CA LEU A 124 -11.13 19.59 4.00
C LEU A 124 -11.41 19.56 2.50
N LYS A 125 -12.00 18.47 2.01
CA LYS A 125 -12.21 18.37 0.57
C LYS A 125 -13.16 19.44 0.02
N ASP A 126 -14.08 19.95 0.84
CA ASP A 126 -15.08 20.91 0.31
C ASP A 126 -14.74 22.36 0.61
N CYS A 127 -13.60 22.57 1.26
CA CYS A 127 -13.14 23.93 1.52
C CYS A 127 -12.90 24.68 0.22
N SER A 128 -13.28 25.96 0.17
CA SER A 128 -12.98 26.72 -1.04
C SER A 128 -11.48 26.91 -1.18
N ASP A 129 -10.77 26.99 -0.05
CA ASP A 129 -9.29 27.07 -0.06
C ASP A 129 -8.74 25.65 -0.14
N LYS A 130 -8.19 25.28 -1.31
CA LYS A 130 -7.71 23.92 -1.55
C LYS A 130 -6.38 23.70 -0.84
N ARG A 131 -5.90 24.73 -0.15
CA ARG A 131 -4.71 24.59 0.72
C ARG A 131 -5.02 24.99 2.17
N GLN A 132 -6.28 24.83 2.53
CA GLN A 132 -6.71 25.01 3.91
C GLN A 132 -5.83 24.28 4.94
N VAL A 133 -5.29 23.13 4.57
CA VAL A 133 -4.50 22.38 5.57
C VAL A 133 -3.31 23.21 6.08
N ALA A 134 -2.73 24.02 5.19
CA ALA A 134 -1.64 24.91 5.64
C ALA A 134 -2.11 26.00 6.61
N ARG A 135 -3.28 26.60 6.30
CA ARG A 135 -3.81 27.63 7.19
C ARG A 135 -4.10 27.07 8.58
N LEU A 136 -4.74 25.90 8.62
CA LEU A 136 -5.05 25.28 9.91
C LEU A 136 -3.79 24.83 10.66
N THR A 137 -2.84 24.25 9.93
CA THR A 137 -1.63 23.79 10.60
C THR A 137 -0.93 24.97 11.25
N ASP A 138 -0.84 26.08 10.53
CA ASP A 138 -0.19 27.27 11.07
C ASP A 138 -0.93 27.78 12.31
N TYR A 139 -2.24 27.92 12.19
N TYR A 139 -2.25 27.95 12.19
CA TYR A 139 -3.02 28.44 13.30
CA TYR A 139 -3.04 28.45 13.32
C TYR A 139 -2.85 27.60 14.56
C TYR A 139 -2.85 27.58 14.57
N PHE A 140 -2.91 26.28 14.39
CA PHE A 140 -2.86 25.33 15.49
C PHE A 140 -1.43 25.33 16.10
N ASP A 141 -0.43 25.40 15.22
CA ASP A 141 0.97 25.33 15.63
C ASP A 141 1.47 26.55 16.40
N VAL A 142 0.95 27.75 16.10
CA VAL A 142 1.45 28.95 16.74
C VAL A 142 0.55 29.45 17.88
N PHE A 143 -0.61 28.84 18.02
CA PHE A 143 -1.54 29.24 19.08
C PHE A 143 -0.86 29.18 20.44
N ARG A 144 -0.99 30.24 21.24
CA ARG A 144 -0.48 30.23 22.62
C ARG A 144 -1.51 30.82 23.55
N THR A 145 -1.57 30.28 24.76
CA THR A 145 -2.47 30.80 25.77
C THR A 145 -1.86 30.50 27.14
N THR A 146 -2.44 31.08 28.18
N THR A 146 -2.40 31.09 28.19
CA THR A 146 -1.91 30.90 29.53
CA THR A 146 -1.82 30.84 29.50
C THR A 146 -2.73 29.87 30.31
C THR A 146 -2.69 29.88 30.29
N ASP A 147 -2.05 28.97 31.02
CA ASP A 147 -2.77 27.98 31.81
C ASP A 147 -3.04 28.55 33.20
N SER A 148 -3.64 27.73 34.07
CA SER A 148 -4.03 28.21 35.39
C SER A 148 -2.85 28.56 36.30
N ASP A 149 -1.67 28.01 36.00
CA ASP A 149 -0.44 28.33 36.74
C ASP A 149 0.27 29.57 36.21
N GLY A 150 -0.27 30.15 35.14
CA GLY A 150 0.35 31.31 34.51
C GLY A 150 1.45 30.96 33.51
N ASN A 151 1.52 29.67 33.14
CA ASN A 151 2.47 29.26 32.12
C ASN A 151 1.96 29.44 30.69
N ASN A 152 2.91 29.68 29.79
CA ASN A 152 2.65 29.79 28.37
C ASN A 152 2.40 28.36 27.85
N THR A 153 1.25 28.13 27.22
CA THR A 153 0.90 26.78 26.75
C THR A 153 0.43 26.77 25.31
N GLY A 154 0.51 25.61 24.69
CA GLY A 154 -0.03 25.44 23.33
C GLY A 154 0.00 23.98 22.95
N LEU A 155 -0.06 23.73 21.65
CA LEU A 155 -0.17 22.39 21.11
C LEU A 155 1.13 22.08 20.41
N ASP A 156 1.72 20.93 20.70
CA ASP A 156 2.96 20.51 20.07
C ASP A 156 2.69 19.42 19.02
N LEU A 157 2.97 19.73 17.76
CA LEU A 157 2.66 18.87 16.62
C LEU A 157 3.39 17.53 16.70
N TYR A 158 2.62 16.45 16.61
CA TYR A 158 3.18 15.13 16.24
C TYR A 158 3.12 15.00 14.72
N THR A 159 1.94 15.05 14.12
CA THR A 159 1.82 14.93 12.67
C THR A 159 0.47 15.46 12.21
N VAL A 160 0.41 15.84 10.93
CA VAL A 160 -0.85 15.95 10.22
C VAL A 160 -0.82 14.86 9.16
N ASP A 161 -1.62 13.81 9.35
CA ASP A 161 -1.68 12.67 8.43
C ASP A 161 -2.99 12.67 7.66
N GLN A 162 -3.02 11.93 6.57
CA GLN A 162 -4.25 11.69 5.82
C GLN A 162 -5.01 10.50 6.40
N VAL A 163 -6.33 10.61 6.46
CA VAL A 163 -7.20 9.47 6.83
C VAL A 163 -7.04 8.40 5.75
N GLU A 164 -6.50 7.23 6.13
CA GLU A 164 -6.23 6.23 5.09
C GLU A 164 -7.47 5.71 4.39
N HIS A 165 -8.56 5.57 5.11
CA HIS A 165 -9.80 5.15 4.45
C HIS A 165 -10.14 6.10 3.32
N SER A 166 -9.96 7.40 3.54
CA SER A 166 -10.28 8.39 2.50
C SER A 166 -9.37 8.26 1.30
N ASN A 167 -8.05 8.06 1.52
CA ASN A 167 -7.12 7.90 0.40
C ASN A 167 -7.45 6.69 -0.47
N TYR A 168 -7.77 5.57 0.18
CA TYR A 168 -7.87 4.28 -0.51
C TYR A 168 -9.26 3.91 -1.00
N VAL A 169 -10.29 4.43 -0.33
CA VAL A 169 -11.66 4.09 -0.68
C VAL A 169 -12.29 5.20 -1.52
N GLU A 170 -12.35 6.44 -0.99
CA GLU A 170 -12.92 7.53 -1.78
C GLU A 170 -11.95 8.30 -2.68
N GLN A 171 -10.66 8.06 -2.57
CA GLN A 171 -9.68 8.92 -3.23
C GLN A 171 -9.84 10.41 -2.91
N ASN A 172 -10.25 10.68 -1.68
CA ASN A 172 -10.24 12.00 -1.12
C ASN A 172 -8.93 12.09 -0.38
N PHE A 173 -8.05 12.96 -0.85
CA PHE A 173 -6.70 13.12 -0.31
C PHE A 173 -6.58 14.31 0.63
N LEU A 174 -7.73 14.93 0.95
CA LEU A 174 -7.73 16.12 1.79
C LEU A 174 -8.50 15.90 3.09
N ASP A 175 -8.46 14.67 3.62
CA ASP A 175 -9.16 14.36 4.89
C ASP A 175 -8.06 14.11 5.90
N PHE A 176 -7.95 14.95 6.93
CA PHE A 176 -6.75 14.96 7.78
C PHE A 176 -6.99 14.55 9.22
N ILE A 177 -5.97 13.92 9.80
CA ILE A 177 -5.89 13.76 11.26
C ILE A 177 -4.71 14.57 11.78
N PHE A 178 -4.98 15.65 12.51
CA PHE A 178 -3.96 16.43 13.19
C PHE A 178 -3.76 15.82 14.57
N VAL A 179 -2.50 15.58 14.94
CA VAL A 179 -2.19 14.97 16.22
C VAL A 179 -1.27 15.89 17.00
N PHE A 180 -1.69 16.29 18.20
CA PHE A 180 -0.93 17.18 19.06
C PHE A 180 -0.83 16.68 20.49
N ARG A 181 0.21 17.12 21.19
CA ARG A 181 0.25 17.04 22.64
C ARG A 181 0.28 18.44 23.21
N LYS A 182 -0.60 18.71 24.18
CA LYS A 182 -0.60 19.97 24.88
C LYS A 182 0.64 20.04 25.75
N LYS A 183 1.32 21.18 25.73
CA LYS A 183 2.44 21.34 26.63
C LYS A 183 2.73 22.78 26.96
N VAL A 184 3.56 22.96 27.98
CA VAL A 184 4.15 24.25 28.32
C VAL A 184 5.33 24.55 27.41
N PHE A 185 5.36 25.77 26.88
CA PHE A 185 6.44 26.22 26.03
C PHE A 185 7.23 27.28 26.74
N ALA A 186 8.55 27.20 26.65
CA ALA A 186 9.40 28.22 27.22
C ALA A 186 9.07 29.55 26.56
N PRO A 187 9.20 30.64 27.32
CA PRO A 187 8.97 31.96 26.74
C PRO A 187 9.92 32.16 25.57
N THR A 188 9.45 32.92 24.58
CA THR A 188 10.29 33.26 23.44
C THR A 188 9.73 34.51 22.80
N THR A 189 10.62 35.31 22.23
CA THR A 189 10.24 36.51 21.49
C THR A 189 10.71 36.36 20.04
N ASP A 190 11.17 35.17 19.68
CA ASP A 190 11.62 34.94 18.30
C ASP A 190 10.45 35.23 17.36
N ALA A 191 10.73 35.82 16.20
CA ALA A 191 9.67 36.13 15.23
C ALA A 191 8.93 34.86 14.77
N THR A 192 9.65 33.75 14.66
CA THR A 192 9.00 32.47 14.40
C THR A 192 9.19 31.58 15.63
N ILE A 193 8.11 31.00 16.13
CA ILE A 193 8.20 30.35 17.45
C ILE A 193 8.34 28.83 17.42
N THR A 194 8.32 28.24 16.21
CA THR A 194 8.63 26.82 16.02
C THR A 194 9.46 26.72 14.75
N PHE A 195 10.12 25.58 14.56
CA PHE A 195 10.84 25.36 13.32
C PHE A 195 9.91 25.26 12.11
N ARG A 196 8.76 24.63 12.29
CA ARG A 196 7.71 24.60 11.27
C ARG A 196 7.41 26.03 10.78
N ASP A 197 7.18 26.94 11.73
CA ASP A 197 6.94 28.34 11.38
C ASP A 197 8.14 28.99 10.68
N PHE A 198 9.36 28.66 11.13
CA PHE A 198 10.53 29.20 10.47
C PHE A 198 10.60 28.80 8.99
N LEU A 199 10.34 27.52 8.68
CA LEU A 199 10.33 27.07 7.27
C LEU A 199 9.26 27.79 6.45
N ASP A 200 8.05 27.85 7.00
CA ASP A 200 6.93 28.44 6.26
C ASP A 200 6.97 29.96 6.12
N LYS A 201 7.69 30.63 7.01
CA LYS A 201 7.74 32.11 6.96
C LYS A 201 9.02 32.66 6.34
N THR A 202 10.01 31.80 6.08
CA THR A 202 11.30 32.28 5.64
C THR A 202 11.64 31.70 4.28
N GLN A 203 12.27 30.54 4.21
CA GLN A 203 12.67 30.03 2.91
C GLN A 203 11.53 29.48 2.08
N TYR A 204 10.50 28.95 2.73
CA TYR A 204 9.44 28.25 2.00
C TYR A 204 8.09 28.92 2.23
N THR A 205 8.10 30.24 2.05
CA THR A 205 6.86 30.97 1.85
C THR A 205 6.28 30.52 0.51
N ASN A 206 5.00 30.78 0.29
CA ASN A 206 4.40 30.41 -0.99
C ASN A 206 5.07 31.09 -2.18
N THR A 207 5.38 32.38 -2.05
CA THR A 207 6.09 33.06 -3.12
C THR A 207 7.49 32.47 -3.33
N GLY A 208 8.18 32.16 -2.23
CA GLY A 208 9.50 31.52 -2.34
C GLY A 208 9.42 30.17 -3.04
N ILE A 209 8.43 29.37 -2.68
CA ILE A 209 8.22 28.08 -3.34
C ILE A 209 7.95 28.23 -4.85
N ASP A 210 7.08 29.17 -5.21
CA ASP A 210 6.78 29.37 -6.60
C ASP A 210 8.04 29.77 -7.41
N ALA A 211 8.87 30.64 -6.83
CA ALA A 211 10.08 31.07 -7.54
C ALA A 211 11.03 29.89 -7.71
N TYR A 212 11.22 29.13 -6.64
CA TYR A 212 12.08 27.97 -6.72
C TYR A 212 11.55 26.96 -7.75
N GLU A 213 10.25 26.70 -7.75
CA GLU A 213 9.69 25.73 -8.69
C GLU A 213 9.97 26.17 -10.14
N TRP A 214 9.81 27.46 -10.41
CA TRP A 214 10.17 27.96 -11.75
C TRP A 214 11.61 27.64 -12.10
N MET A 215 12.50 27.87 -11.14
CA MET A 215 13.95 27.69 -11.36
C MET A 215 14.37 26.24 -11.53
N PHE A 216 13.78 25.35 -10.74
CA PHE A 216 14.22 23.95 -10.70
C PHE A 216 13.48 23.04 -11.68
N GLY A 217 12.20 23.35 -11.91
CA GLY A 217 11.38 22.52 -12.78
C GLY A 217 10.06 22.15 -12.11
N VAL A 218 9.01 21.98 -12.90
N VAL A 218 9.01 21.98 -12.90
CA VAL A 218 7.69 21.67 -12.37
CA VAL A 218 7.69 21.69 -12.35
C VAL A 218 7.74 20.51 -11.37
C VAL A 218 7.73 20.52 -11.37
N ASN A 219 7.12 20.74 -10.20
CA ASN A 219 7.02 19.75 -9.11
C ASN A 219 8.29 19.53 -8.28
N PHE A 220 9.38 20.24 -8.59
CA PHE A 220 10.64 20.07 -7.88
C PHE A 220 11.19 21.33 -7.24
N ILE A 221 11.83 21.13 -6.09
CA ILE A 221 12.52 22.18 -5.35
C ILE A 221 13.95 21.67 -5.10
N SER A 222 14.53 21.07 -6.12
CA SER A 222 15.87 20.51 -5.99
C SER A 222 16.59 20.52 -7.35
N PRO A 223 17.94 20.58 -7.33
CA PRO A 223 18.73 20.72 -8.55
C PRO A 223 18.31 19.79 -9.71
N GLY A 224 18.06 20.39 -10.88
CA GLY A 224 17.92 19.61 -12.10
C GLY A 224 16.55 19.03 -12.38
N GLY A 225 15.59 19.23 -11.48
CA GLY A 225 14.21 18.80 -11.72
C GLY A 225 14.05 17.31 -12.04
N TYR A 226 13.03 17.01 -12.84
CA TYR A 226 12.57 15.64 -13.08
C TYR A 226 13.69 14.74 -13.58
N ASP A 227 14.41 15.19 -14.61
CA ASP A 227 15.39 14.31 -15.23
C ASP A 227 16.53 13.99 -14.29
N GLU A 228 16.96 14.96 -13.48
CA GLU A 228 18.05 14.69 -12.55
C GLU A 228 17.61 13.75 -11.43
N ASN A 229 16.39 13.97 -10.93
CA ASN A 229 15.89 13.08 -9.90
C ASN A 229 15.78 11.65 -10.39
N LEU A 230 15.36 11.47 -11.65
CA LEU A 230 15.21 10.12 -12.20
C LEU A 230 16.56 9.39 -12.28
N LYS A 231 17.60 10.13 -12.70
CA LYS A 231 18.95 9.57 -12.73
C LYS A 231 19.39 9.13 -11.34
N ILE A 232 19.12 9.97 -10.35
CA ILE A 232 19.57 9.69 -8.98
C ILE A 232 18.86 8.47 -8.42
N ILE A 233 17.53 8.39 -8.57
CA ILE A 233 16.83 7.25 -7.97
C ILE A 233 17.17 5.93 -8.61
N LYS A 234 17.63 5.95 -9.85
CA LYS A 234 18.02 4.70 -10.49
C LYS A 234 19.24 4.06 -9.78
N ARG A 235 19.94 4.83 -8.94
N ARG A 235 19.95 4.83 -8.94
CA ARG A 235 21.05 4.31 -8.13
CA ARG A 235 21.05 4.30 -8.14
C ARG A 235 20.58 3.30 -7.07
C ARG A 235 20.59 3.29 -7.06
N PHE A 236 19.30 3.30 -6.72
CA PHE A 236 18.74 2.30 -5.80
C PHE A 236 18.80 0.89 -6.39
N GLY A 237 18.91 0.79 -7.70
CA GLY A 237 18.88 -0.51 -8.37
C GLY A 237 17.53 -0.80 -8.96
N ASP A 238 17.14 -2.06 -8.92
CA ASP A 238 15.90 -2.49 -9.54
C ASP A 238 14.73 -2.42 -8.58
N PHE A 239 13.74 -1.60 -8.91
CA PHE A 239 12.53 -1.50 -8.13
C PHE A 239 11.55 -2.62 -8.50
N LYS A 240 10.74 -3.03 -7.54
CA LYS A 240 9.64 -3.96 -7.80
C LYS A 240 8.31 -3.31 -7.42
N PRO A 241 7.23 -3.61 -8.16
CA PRO A 241 5.95 -2.95 -7.88
C PRO A 241 5.46 -3.23 -6.47
N GLY A 242 4.95 -2.22 -5.78
CA GLY A 242 4.40 -2.42 -4.45
C GLY A 242 5.43 -2.33 -3.32
N GLN A 243 6.70 -2.20 -3.66
CA GLN A 243 7.71 -1.90 -2.63
C GLN A 243 7.39 -0.55 -2.00
N THR A 244 7.89 -0.34 -0.80
CA THR A 244 7.60 0.91 -0.07
C THR A 244 8.83 1.79 0.12
N MET A 245 8.61 3.11 0.03
CA MET A 245 9.66 4.10 0.19
C MET A 245 9.22 5.21 1.10
N LEU A 246 10.09 5.61 2.02
CA LEU A 246 9.92 6.82 2.80
C LEU A 246 10.73 7.93 2.14
N ASP A 247 10.09 9.07 1.84
CA ASP A 247 10.76 10.24 1.29
C ASP A 247 10.80 11.33 2.36
N ILE A 248 11.99 11.66 2.82
CA ILE A 248 12.16 12.60 3.90
C ILE A 248 12.42 13.98 3.30
N GLY A 249 11.52 14.92 3.55
CA GLY A 249 11.59 16.27 2.98
C GLY A 249 11.04 16.31 1.56
N VAL A 250 9.84 15.75 1.39
CA VAL A 250 9.26 15.47 0.07
C VAL A 250 8.84 16.74 -0.67
N GLY A 251 8.81 17.87 0.01
CA GLY A 251 8.54 19.16 -0.67
C GLY A 251 7.17 19.22 -1.32
N ILE A 252 7.13 19.65 -2.60
CA ILE A 252 5.85 19.79 -3.29
C ILE A 252 5.50 18.50 -4.03
N GLY A 253 6.32 17.46 -3.84
CA GLY A 253 5.91 16.09 -4.16
C GLY A 253 6.45 15.45 -5.45
N GLY A 254 7.19 16.22 -6.24
CA GLY A 254 7.61 15.71 -7.55
C GLY A 254 8.34 14.38 -7.53
N GLY A 255 9.22 14.21 -6.56
CA GLY A 255 9.97 12.96 -6.48
C GLY A 255 9.09 11.76 -6.13
N ALA A 256 8.21 11.94 -5.15
CA ALA A 256 7.32 10.89 -4.72
C ALA A 256 6.39 10.51 -5.88
N ARG A 257 5.87 11.52 -6.58
CA ARG A 257 4.98 11.23 -7.69
C ARG A 257 5.72 10.50 -8.81
N GLN A 258 6.97 10.89 -9.05
CA GLN A 258 7.78 10.25 -10.08
C GLN A 258 8.03 8.77 -9.79
N VAL A 259 8.44 8.45 -8.55
N VAL A 259 8.42 8.44 -8.56
CA VAL A 259 8.69 7.06 -8.16
CA VAL A 259 8.70 7.04 -8.27
C VAL A 259 7.45 6.18 -8.32
C VAL A 259 7.44 6.17 -8.34
N ALA A 260 6.29 6.71 -7.91
CA ALA A 260 5.06 5.95 -8.01
C ALA A 260 4.68 5.74 -9.48
N ASP A 261 4.73 6.81 -10.26
CA ASP A 261 4.31 6.69 -11.66
C ASP A 261 5.27 5.83 -12.53
N GLU A 262 6.57 5.98 -12.29
CA GLU A 262 7.57 5.25 -13.09
C GLU A 262 7.68 3.78 -12.67
N PHE A 263 7.58 3.51 -11.37
CA PHE A 263 7.96 2.20 -10.84
C PHE A 263 6.91 1.48 -10.00
N GLY A 264 5.75 2.11 -9.76
CA GLY A 264 4.70 1.48 -8.96
C GLY A 264 5.07 1.29 -7.49
N VAL A 265 6.02 2.09 -7.02
CA VAL A 265 6.48 2.05 -5.62
C VAL A 265 5.55 2.92 -4.79
N HIS A 266 5.20 2.45 -3.60
CA HIS A 266 4.33 3.22 -2.68
C HIS A 266 5.16 4.13 -1.83
N VAL A 267 4.92 5.43 -1.93
CA VAL A 267 5.76 6.42 -1.25
C VAL A 267 4.99 7.07 -0.11
N HIS A 268 5.63 7.15 1.05
CA HIS A 268 5.15 7.92 2.19
C HIS A 268 6.09 9.07 2.28
N GLY A 269 5.64 10.27 1.89
CA GLY A 269 6.48 11.45 1.94
C GLY A 269 6.18 12.28 3.16
N ILE A 270 7.22 12.80 3.80
CA ILE A 270 7.07 13.66 4.97
C ILE A 270 7.75 14.99 4.76
N ASP A 271 7.18 16.06 5.33
CA ASP A 271 7.80 17.35 5.24
C ASP A 271 7.26 18.20 6.38
N LEU A 272 8.11 19.04 6.96
CA LEU A 272 7.72 19.92 8.06
C LEU A 272 7.17 21.27 7.57
N SER A 273 7.35 21.62 6.31
CA SER A 273 6.74 22.85 5.76
C SER A 273 5.29 22.54 5.36
N SER A 274 4.34 23.21 6.03
CA SER A 274 2.94 23.03 5.66
C SER A 274 2.65 23.71 4.31
N ASN A 275 3.43 24.73 3.96
CA ASN A 275 3.26 25.37 2.64
C ASN A 275 3.63 24.41 1.53
N MET A 276 4.76 23.72 1.70
CA MET A 276 5.21 22.76 0.71
C MET A 276 4.18 21.65 0.57
N LEU A 277 3.82 21.02 1.69
CA LEU A 277 2.94 19.86 1.59
C LEU A 277 1.51 20.22 1.19
N ALA A 278 1.04 21.41 1.55
CA ALA A 278 -0.30 21.79 1.08
C ALA A 278 -0.36 21.80 -0.45
N ILE A 279 0.72 22.21 -1.11
CA ILE A 279 0.79 22.14 -2.60
C ILE A 279 0.81 20.69 -3.09
N ALA A 280 1.68 19.87 -2.50
CA ALA A 280 1.72 18.47 -2.84
C ALA A 280 0.35 17.80 -2.69
N LEU A 281 -0.31 18.10 -1.57
CA LEU A 281 -1.63 17.54 -1.26
C LEU A 281 -2.70 17.99 -2.26
N GLU A 282 -2.72 19.29 -2.57
CA GLU A 282 -3.64 19.83 -3.56
C GLU A 282 -3.46 19.10 -4.91
N ARG A 283 -2.20 18.92 -5.29
CA ARG A 283 -1.90 18.27 -6.56
C ARG A 283 -2.24 16.79 -6.57
N LEU A 284 -2.08 16.11 -5.43
CA LEU A 284 -2.46 14.72 -5.33
C LEU A 284 -3.99 14.54 -5.36
N HIS A 285 -4.68 15.47 -4.72
CA HIS A 285 -6.13 15.42 -4.71
C HIS A 285 -6.69 15.62 -6.10
N GLU A 286 -6.02 16.45 -6.90
CA GLU A 286 -6.48 16.71 -8.25
C GLU A 286 -6.18 15.52 -9.17
N GLU A 287 -4.94 15.05 -9.10
CA GLU A 287 -4.45 13.97 -9.94
C GLU A 287 -4.19 12.78 -9.03
N LYS A 288 -5.25 12.11 -8.68
CA LYS A 288 -5.31 11.04 -7.69
C LYS A 288 -4.36 9.87 -7.94
N ASP A 289 -3.70 9.43 -6.89
CA ASP A 289 -2.77 8.29 -6.97
C ASP A 289 -2.61 7.77 -5.55
N SER A 290 -3.27 6.68 -5.21
CA SER A 290 -3.21 6.23 -3.82
C SER A 290 -1.94 5.47 -3.50
N ARG A 291 -1.01 5.37 -4.46
CA ARG A 291 0.32 4.90 -4.13
C ARG A 291 1.12 5.91 -3.31
N VAL A 292 0.63 7.14 -3.20
CA VAL A 292 1.33 8.22 -2.51
C VAL A 292 0.53 8.70 -1.32
N LYS A 293 1.20 8.88 -0.20
CA LYS A 293 0.57 9.53 0.97
C LYS A 293 1.58 10.45 1.63
N TYR A 294 1.08 11.46 2.35
CA TYR A 294 1.93 12.52 2.86
C TYR A 294 1.64 12.78 4.34
N SER A 295 2.65 13.24 5.07
CA SER A 295 2.53 13.65 6.48
C SER A 295 3.24 14.96 6.69
N ILE A 296 2.57 15.94 7.31
CA ILE A 296 3.24 17.15 7.80
C ILE A 296 3.79 16.83 9.17
N THR A 297 5.11 16.71 9.24
CA THR A 297 5.77 16.23 10.44
C THR A 297 7.27 16.46 10.35
N ASP A 298 7.92 16.49 11.50
CA ASP A 298 9.40 16.56 11.60
C ASP A 298 9.98 15.16 11.48
N ALA A 299 10.95 15.02 10.58
CA ALA A 299 11.69 13.75 10.42
C ALA A 299 12.26 13.20 11.73
N LEU A 300 12.51 14.06 12.72
CA LEU A 300 13.03 13.59 14.02
C LEU A 300 11.93 13.29 15.06
N VAL A 301 10.67 13.48 14.69
CA VAL A 301 9.53 13.31 15.61
C VAL A 301 8.62 12.15 15.21
N TYR A 302 8.27 12.05 13.92
CA TYR A 302 7.35 11.00 13.49
C TYR A 302 7.94 9.64 13.87
N GLN A 303 7.10 8.75 14.38
CA GLN A 303 7.57 7.42 14.78
C GLN A 303 7.15 6.39 13.74
N PHE A 304 8.10 5.96 12.91
CA PHE A 304 7.84 4.93 11.92
C PHE A 304 7.94 3.56 12.57
N GLU A 305 7.24 2.58 12.01
CA GLU A 305 7.39 1.22 12.52
C GLU A 305 8.75 0.69 12.11
N ASP A 306 9.39 0.00 13.04
CA ASP A 306 10.64 -0.64 12.70
C ASP A 306 10.49 -1.61 11.54
N ASN A 307 11.54 -1.73 10.72
CA ASN A 307 11.60 -2.81 9.72
C ASN A 307 10.44 -2.77 8.74
N SER A 308 10.07 -1.55 8.31
CA SER A 308 8.86 -1.44 7.48
C SER A 308 9.13 -0.98 6.05
N PHE A 309 10.22 -0.25 5.81
CA PHE A 309 10.44 0.31 4.46
C PHE A 309 11.47 -0.45 3.63
N ASP A 310 11.18 -0.64 2.35
CA ASP A 310 12.22 -1.15 1.43
C ASP A 310 13.28 -0.09 1.12
N TYR A 311 12.88 1.17 1.08
CA TYR A 311 13.77 2.29 0.73
C TYR A 311 13.51 3.52 1.60
N VAL A 312 14.58 4.25 1.89
CA VAL A 312 14.47 5.60 2.43
C VAL A 312 15.24 6.52 1.52
N PHE A 313 14.59 7.57 1.06
CA PHE A 313 15.16 8.51 0.09
C PHE A 313 15.05 9.90 0.69
N SER A 314 16.08 10.71 0.53
CA SER A 314 15.99 12.11 0.91
C SER A 314 16.77 12.94 -0.07
N ARG A 315 16.07 13.84 -0.75
CA ARG A 315 16.61 14.61 -1.84
C ARG A 315 16.78 16.08 -1.42
N ASP A 316 18.02 16.46 -1.11
CA ASP A 316 18.40 17.85 -0.88
C ASP A 316 17.58 18.52 0.20
N CYS A 317 17.48 17.78 1.31
CA CYS A 317 16.75 18.15 2.51
C CYS A 317 17.64 18.24 3.75
N ILE A 318 18.54 17.27 3.96
CA ILE A 318 19.07 17.10 5.34
C ILE A 318 20.10 18.14 5.82
N GLN A 319 20.52 19.03 4.92
CA GLN A 319 21.25 20.20 5.37
C GLN A 319 20.43 21.04 6.36
N HIS A 320 19.11 20.83 6.39
CA HIS A 320 18.19 21.54 7.32
C HIS A 320 18.17 20.90 8.69
N ILE A 321 18.71 19.68 8.82
CA ILE A 321 18.52 18.88 10.05
C ILE A 321 19.82 18.80 10.84
N PRO A 322 19.85 19.40 12.03
CA PRO A 322 21.13 19.42 12.78
C PRO A 322 21.60 18.05 13.26
N ASP A 323 20.67 17.23 13.76
CA ASP A 323 21.07 15.99 14.44
C ASP A 323 21.11 14.81 13.47
N THR A 324 22.18 14.78 12.67
CA THR A 324 22.36 13.74 11.66
C THR A 324 22.46 12.35 12.28
N GLU A 325 23.11 12.25 13.43
CA GLU A 325 23.20 10.95 14.12
C GLU A 325 21.85 10.38 14.49
N LYS A 326 20.98 11.21 15.07
CA LYS A 326 19.63 10.77 15.40
C LYS A 326 18.85 10.42 14.13
N LEU A 327 18.98 11.27 13.12
CA LEU A 327 18.27 10.98 11.87
C LEU A 327 18.67 9.61 11.32
N PHE A 328 19.98 9.37 11.26
CA PHE A 328 20.49 8.13 10.67
C PHE A 328 20.08 6.90 11.49
N SER A 329 20.03 7.04 12.82
CA SER A 329 19.52 5.98 13.69
C SER A 329 18.05 5.66 13.38
N ARG A 330 17.24 6.72 13.21
CA ARG A 330 15.83 6.50 12.91
C ARG A 330 15.61 5.88 11.53
N ILE A 331 16.41 6.29 10.54
CA ILE A 331 16.34 5.66 9.22
C ILE A 331 16.73 4.18 9.31
N TYR A 332 17.82 3.88 10.01
CA TYR A 332 18.26 2.51 10.15
C TYR A 332 17.13 1.62 10.72
N LYS A 333 16.48 2.08 11.79
CA LYS A 333 15.44 1.26 12.43
C LYS A 333 14.24 1.09 11.53
N ALA A 334 13.89 2.13 10.76
CA ALA A 334 12.69 2.06 9.91
C ALA A 334 12.83 1.19 8.67
N LEU A 335 14.06 1.02 8.20
CA LEU A 335 14.32 0.15 7.03
C LEU A 335 14.11 -1.31 7.39
N LYS A 336 13.57 -2.06 6.43
CA LYS A 336 13.66 -3.52 6.48
C LYS A 336 15.12 -3.95 6.37
N PRO A 337 15.46 -5.11 7.01
CA PRO A 337 16.78 -5.66 6.72
C PRO A 337 16.97 -5.81 5.21
N GLY A 338 18.14 -5.40 4.72
CA GLY A 338 18.43 -5.41 3.30
C GLY A 338 17.93 -4.18 2.57
N GLY A 339 17.14 -3.36 3.27
CA GLY A 339 16.63 -2.11 2.65
C GLY A 339 17.73 -1.09 2.41
N LYS A 340 17.47 -0.12 1.53
CA LYS A 340 18.51 0.84 1.13
C LYS A 340 18.13 2.26 1.47
N VAL A 341 19.12 3.07 1.82
CA VAL A 341 18.96 4.51 2.03
C VAL A 341 19.78 5.25 1.00
N LEU A 342 19.18 6.26 0.38
N LEU A 342 19.19 6.26 0.37
CA LEU A 342 19.87 7.13 -0.57
CA LEU A 342 19.92 7.11 -0.55
C LEU A 342 19.58 8.57 -0.23
C LEU A 342 19.60 8.54 -0.17
N ILE A 343 20.63 9.33 0.06
CA ILE A 343 20.48 10.74 0.48
C ILE A 343 21.39 11.62 -0.39
N THR A 344 20.84 12.65 -1.01
CA THR A 344 21.66 13.73 -1.59
C THR A 344 21.50 14.96 -0.69
N MET A 345 22.54 15.76 -0.54
CA MET A 345 22.45 16.89 0.37
C MET A 345 23.44 17.99 0.02
N TYR A 346 23.13 19.20 0.43
CA TYR A 346 24.18 20.21 0.51
C TYR A 346 25.12 19.82 1.64
N GLY A 347 26.42 19.94 1.38
CA GLY A 347 27.43 19.69 2.39
C GLY A 347 28.51 20.73 2.29
N LYS A 348 29.52 20.61 3.12
CA LYS A 348 30.66 21.53 3.02
C LYS A 348 31.85 20.81 2.41
N GLY A 349 32.61 21.55 1.61
CA GLY A 349 33.92 21.11 1.13
C GLY A 349 34.99 21.40 2.17
N TYR A 350 36.25 21.42 1.72
CA TYR A 350 37.37 21.56 2.65
C TYR A 350 38.09 22.90 2.56
N GLY A 351 37.53 23.84 1.80
CA GLY A 351 38.12 25.17 1.69
C GLY A 351 37.84 26.04 2.90
N GLU A 352 38.65 27.08 3.10
CA GLU A 352 38.40 28.06 4.15
C GLU A 352 37.10 28.78 3.86
N GLN A 353 36.22 28.87 4.85
CA GLN A 353 34.89 29.45 4.63
C GLN A 353 34.97 30.97 4.48
N SER A 354 34.32 31.50 3.44
CA SER A 354 34.25 32.94 3.24
C SER A 354 33.20 33.52 4.17
N ASP A 355 33.31 34.83 4.43
CA ASP A 355 32.34 35.50 5.28
C ASP A 355 30.95 35.41 4.67
N LYS A 356 30.89 35.58 3.35
CA LYS A 356 29.64 35.49 2.60
C LYS A 356 28.99 34.12 2.79
N PHE A 357 29.79 33.07 2.70
CA PHE A 357 29.25 31.73 2.86
C PHE A 357 28.74 31.50 4.28
N LYS A 358 29.49 31.94 5.29
CA LYS A 358 29.01 31.82 6.66
C LYS A 358 27.67 32.54 6.87
N THR A 359 27.51 33.70 6.25
CA THR A 359 26.27 34.47 6.38
C THR A 359 25.10 33.69 5.77
N TYR A 360 25.36 33.11 4.60
CA TYR A 360 24.36 32.29 3.90
C TYR A 360 23.95 31.08 4.76
N VAL A 361 24.94 30.31 5.21
CA VAL A 361 24.67 29.15 6.07
C VAL A 361 23.84 29.54 7.30
N ALA A 362 24.20 30.63 7.98
CA ALA A 362 23.44 31.07 9.17
C ALA A 362 22.01 31.51 8.83
N GLN A 363 21.83 32.25 7.74
CA GLN A 363 20.50 32.75 7.39
C GLN A 363 19.57 31.63 6.97
N ARG A 364 20.14 30.61 6.33
CA ARG A 364 19.39 29.42 5.96
C ARG A 364 19.21 28.44 7.12
N ALA A 365 20.00 28.60 8.19
CA ALA A 365 20.10 27.66 9.32
C ALA A 365 20.49 26.26 8.82
N TYR A 366 21.48 26.20 7.93
CA TYR A 366 22.01 24.92 7.48
C TYR A 366 23.04 24.38 8.46
N PHE A 367 23.07 23.05 8.54
CA PHE A 367 24.02 22.31 9.36
C PHE A 367 24.74 21.37 8.42
N LEU A 368 25.88 21.84 7.92
CA LEU A 368 26.59 21.16 6.84
C LEU A 368 27.62 20.18 7.37
N LYS A 369 27.64 19.00 6.77
CA LYS A 369 28.68 18.02 7.07
C LYS A 369 29.54 17.85 5.83
N ASN A 370 30.78 17.39 6.02
CA ASN A 370 31.55 16.94 4.86
C ASN A 370 31.35 15.44 4.64
N LEU A 371 31.89 14.93 3.55
CA LEU A 371 31.56 13.58 3.11
C LEU A 371 32.19 12.56 4.05
N LYS A 372 33.35 12.90 4.61
CA LYS A 372 33.98 12.01 5.60
C LYS A 372 33.10 11.85 6.83
N GLU A 373 32.53 12.97 7.28
CA GLU A 373 31.63 12.95 8.42
C GLU A 373 30.39 12.10 8.18
N ILE A 374 29.80 12.22 6.99
CA ILE A 374 28.64 11.39 6.65
C ILE A 374 28.97 9.90 6.67
N ALA A 375 30.11 9.54 6.08
CA ALA A 375 30.51 8.14 6.05
C ALA A 375 30.74 7.63 7.48
N ASP A 376 31.38 8.45 8.32
CA ASP A 376 31.67 8.06 9.70
C ASP A 376 30.35 7.84 10.46
N ILE A 377 29.39 8.76 10.32
CA ILE A 377 28.12 8.59 11.00
C ILE A 377 27.37 7.35 10.49
N ALA A 378 27.40 7.12 9.18
CA ALA A 378 26.75 5.92 8.59
C ALA A 378 27.35 4.64 9.16
N ASN A 379 28.68 4.59 9.20
CA ASN A 379 29.29 3.39 9.75
C ASN A 379 29.05 3.18 11.24
N LYS A 380 29.11 4.26 12.02
CA LYS A 380 28.79 4.20 13.44
C LYS A 380 27.34 3.77 13.69
N THR A 381 26.43 4.13 12.77
CA THR A 381 25.04 3.75 12.95
C THR A 381 24.82 2.26 12.69
N GLY A 382 25.70 1.66 11.89
CA GLY A 382 25.58 0.23 11.59
C GLY A 382 25.25 -0.12 10.14
N PHE A 383 25.17 0.89 9.26
CA PHE A 383 24.89 0.61 7.87
C PHE A 383 26.04 -0.16 7.23
N VAL A 384 25.73 -0.89 6.18
CA VAL A 384 26.75 -1.63 5.42
C VAL A 384 26.74 -1.23 3.96
N ASN A 385 27.75 -1.61 3.21
CA ASN A 385 27.86 -1.21 1.80
C ASN A 385 27.73 0.32 1.65
N VAL A 386 28.34 1.04 2.58
CA VAL A 386 28.35 2.52 2.56
C VAL A 386 29.10 3.06 1.35
N GLN A 387 28.45 3.92 0.57
CA GLN A 387 29.08 4.56 -0.57
C GLN A 387 28.83 6.05 -0.46
N THR A 388 29.84 6.84 -0.75
CA THR A 388 29.69 8.29 -0.80
C THR A 388 30.25 8.81 -2.12
N GLU A 389 29.72 9.92 -2.60
CA GLU A 389 30.25 10.51 -3.82
C GLU A 389 30.13 12.01 -3.76
N ASN A 390 31.17 12.69 -4.20
CA ASN A 390 31.18 14.14 -4.33
C ASN A 390 30.61 14.49 -5.72
N MET A 391 29.39 15.03 -5.74
CA MET A 391 28.73 15.36 -7.00
C MET A 391 28.82 16.85 -7.30
N THR A 392 29.75 17.53 -6.65
CA THR A 392 29.88 18.98 -6.87
C THR A 392 30.08 19.39 -8.34
N PRO A 393 30.90 18.65 -9.11
CA PRO A 393 30.95 19.07 -10.51
C PRO A 393 29.60 19.07 -11.26
N ARG A 394 28.74 18.09 -10.99
CA ARG A 394 27.43 18.08 -11.61
C ARG A 394 26.58 19.24 -11.07
N PHE A 395 26.72 19.54 -9.78
CA PHE A 395 26.02 20.65 -9.15
C PHE A 395 26.39 21.96 -9.88
N LYS A 396 27.68 22.19 -10.09
CA LYS A 396 28.13 23.35 -10.86
C LYS A 396 27.46 23.41 -12.24
N GLU A 397 27.44 22.28 -12.97
CA GLU A 397 26.77 22.24 -14.30
C GLU A 397 25.31 22.65 -14.23
N ILE A 398 24.62 22.10 -13.23
CA ILE A 398 23.19 22.34 -13.08
C ILE A 398 22.93 23.81 -12.73
N LEU A 399 23.72 24.37 -11.80
CA LEU A 399 23.59 25.78 -11.43
C LEU A 399 23.76 26.68 -12.66
N LEU A 400 24.77 26.38 -13.47
CA LEU A 400 24.99 27.20 -14.69
C LEU A 400 23.80 27.10 -15.63
N GLU A 401 23.28 25.89 -15.84
CA GLU A 401 22.13 25.65 -16.72
C GLU A 401 20.91 26.42 -16.20
N GLU A 402 20.64 26.31 -14.91
CA GLU A 402 19.47 26.95 -14.33
C GLU A 402 19.57 28.47 -14.38
N ARG A 403 20.74 29.01 -14.04
CA ARG A 403 20.93 30.45 -14.11
C ARG A 403 20.81 30.93 -15.56
N GLY A 404 21.40 30.18 -16.48
CA GLY A 404 21.30 30.47 -17.92
C GLY A 404 19.85 30.51 -18.39
N HIS A 405 19.06 29.54 -17.95
CA HIS A 405 17.66 29.48 -18.30
C HIS A 405 16.91 30.71 -17.84
N LEU A 406 17.12 31.13 -16.60
CA LEU A 406 16.52 32.37 -16.12
C LEU A 406 17.00 33.57 -16.94
N GLU A 407 18.31 33.69 -17.15
CA GLU A 407 18.87 34.87 -17.83
C GLU A 407 18.44 34.95 -19.28
N GLN A 408 18.13 33.81 -19.90
CA GLN A 408 17.68 33.80 -21.29
C GLN A 408 16.16 33.86 -21.45
N ASN A 409 15.44 33.84 -20.33
CA ASN A 409 13.99 33.87 -20.36
C ASN A 409 13.46 34.86 -19.33
N GLU A 410 14.15 35.98 -19.23
CA GLU A 410 13.83 36.99 -18.25
C GLU A 410 12.47 37.65 -18.45
N ALA A 411 12.08 37.86 -19.71
CA ALA A 411 10.76 38.44 -19.96
C ALA A 411 9.66 37.52 -19.41
N GLU A 412 9.77 36.22 -19.68
CA GLU A 412 8.81 35.26 -19.15
C GLU A 412 8.79 35.37 -17.63
N PHE A 413 9.98 35.34 -17.03
CA PHE A 413 10.06 35.34 -15.58
C PHE A 413 9.47 36.62 -14.98
N MET A 414 9.85 37.76 -15.53
CA MET A 414 9.37 39.07 -15.06
C MET A 414 7.87 39.26 -15.25
N SER A 415 7.27 38.54 -16.19
CA SER A 415 5.83 38.61 -16.34
C SER A 415 5.10 37.81 -15.28
N LYS A 416 5.83 36.94 -14.57
CA LYS A 416 5.22 36.08 -13.56
C LYS A 416 5.64 36.42 -12.13
N PHE A 417 6.76 37.15 -11.99
CA PHE A 417 7.37 37.43 -10.69
C PHE A 417 7.91 38.85 -10.63
N THR A 418 8.40 39.26 -9.46
CA THR A 418 8.94 40.60 -9.29
C THR A 418 10.43 40.68 -9.64
N GLN A 419 10.90 41.91 -9.83
CA GLN A 419 12.31 42.17 -10.06
C GLN A 419 13.15 41.63 -8.90
N ARG A 420 12.64 41.84 -7.69
CA ARG A 420 13.31 41.40 -6.49
C ARG A 420 13.49 39.88 -6.49
N GLU A 421 12.46 39.15 -6.91
CA GLU A 421 12.53 37.70 -6.99
C GLU A 421 13.52 37.27 -8.08
N ARG A 422 13.51 37.96 -9.21
CA ARG A 422 14.48 37.65 -10.26
C ARG A 422 15.92 37.85 -9.76
N ASP A 423 16.18 38.99 -9.12
CA ASP A 423 17.51 39.26 -8.57
C ASP A 423 17.93 38.23 -7.54
N SER A 424 16.97 37.82 -6.71
N SER A 424 17.00 37.80 -6.69
CA SER A 424 17.21 36.83 -5.66
CA SER A 424 17.31 36.80 -5.66
C SER A 424 17.73 35.51 -6.23
C SER A 424 17.79 35.49 -6.27
N LEU A 425 17.10 35.05 -7.32
CA LEU A 425 17.52 33.83 -7.99
C LEU A 425 18.86 33.97 -8.72
N ILE A 426 19.03 35.05 -9.49
N ILE A 426 19.03 35.04 -9.49
CA ILE A 426 20.27 35.24 -10.22
CA ILE A 426 20.29 35.23 -10.23
C ILE A 426 21.45 35.36 -9.26
C ILE A 426 21.46 35.34 -9.25
N SER A 427 21.33 36.22 -8.26
CA SER A 427 22.42 36.42 -7.29
C SER A 427 22.62 35.18 -6.42
N GLY A 428 21.53 34.48 -6.09
CA GLY A 428 21.68 33.30 -5.25
C GLY A 428 22.43 32.21 -5.99
N TRP A 429 22.10 32.01 -7.26
CA TRP A 429 22.78 31.01 -8.08
C TRP A 429 24.24 31.40 -8.31
N THR A 430 24.48 32.68 -8.62
CA THR A 430 25.86 33.18 -8.78
C THR A 430 26.64 32.97 -7.49
N ASP A 431 26.00 33.25 -6.35
CA ASP A 431 26.64 33.03 -5.04
C ASP A 431 27.08 31.57 -4.88
N LYS A 432 26.16 30.63 -5.12
CA LYS A 432 26.50 29.21 -4.98
C LYS A 432 27.62 28.77 -5.92
N LEU A 433 27.66 29.29 -7.14
CA LEU A 433 28.78 28.98 -8.03
C LEU A 433 30.11 29.48 -7.41
N GLY A 434 30.08 30.64 -6.76
CA GLY A 434 31.22 31.20 -6.02
C GLY A 434 31.61 30.32 -4.85
N TYR A 435 30.62 29.83 -4.12
CA TYR A 435 30.91 28.95 -2.99
C TYR A 435 31.56 27.65 -3.44
N ILE A 436 31.17 27.15 -4.60
CA ILE A 436 31.80 25.96 -5.18
C ILE A 436 33.28 26.20 -5.54
N GLU A 437 33.56 27.32 -6.17
CA GLU A 437 34.94 27.64 -6.54
C GLU A 437 35.88 27.75 -5.33
N LYS A 438 35.35 28.19 -4.19
CA LYS A 438 36.13 28.25 -2.94
C LYS A 438 36.12 26.94 -2.16
N ASP A 439 35.52 25.89 -2.73
CA ASP A 439 35.30 24.60 -2.05
C ASP A 439 34.65 24.76 -0.68
N ASN A 440 33.71 25.70 -0.61
CA ASN A 440 32.91 25.90 0.59
C ASN A 440 31.66 25.00 0.54
N HIS A 441 30.98 25.01 -0.62
CA HIS A 441 29.68 24.33 -0.82
C HIS A 441 29.90 23.12 -1.71
N ASN A 442 29.52 21.93 -1.23
CA ASN A 442 29.54 20.75 -2.07
C ASN A 442 28.15 20.11 -2.16
N TRP A 443 27.95 19.28 -3.18
CA TRP A 443 26.73 18.48 -3.35
C TRP A 443 27.08 17.04 -3.18
N ASN A 444 26.65 16.44 -2.07
CA ASN A 444 27.12 15.12 -1.61
C ASN A 444 26.06 14.03 -1.73
N PHE A 445 26.49 12.84 -2.13
CA PHE A 445 25.65 11.66 -2.34
C PHE A 445 26.05 10.58 -1.34
N PHE A 446 25.05 9.93 -0.76
CA PHE A 446 25.23 8.85 0.20
C PHE A 446 24.26 7.71 -0.10
N LEU A 447 24.78 6.48 -0.17
CA LEU A 447 23.96 5.29 -0.42
C LEU A 447 24.45 4.19 0.49
N ALA A 448 23.53 3.47 1.13
CA ALA A 448 23.92 2.39 2.05
C ALA A 448 22.77 1.44 2.25
N GLN A 449 23.04 0.38 3.01
CA GLN A 449 22.08 -0.70 3.19
C GLN A 449 22.01 -1.09 4.65
N LYS A 450 20.82 -1.50 5.10
CA LYS A 450 20.69 -2.12 6.41
C LYS A 450 21.11 -3.59 6.23
N PRO A 451 21.98 -4.10 7.12
CA PRO A 451 22.39 -5.48 6.92
C PRO A 451 21.24 -6.47 7.06
N PHE A 452 21.39 -7.64 6.44
CA PHE A 452 20.41 -8.69 6.66
C PHE A 452 20.59 -9.32 8.04
N SER B 22 0.53 4.83 -21.11
CA SER B 22 1.22 6.10 -20.75
C SER B 22 2.19 5.95 -19.56
N SER B 23 1.68 5.54 -18.40
CA SER B 23 2.54 5.37 -17.24
C SER B 23 3.47 4.17 -17.42
N LEU B 24 4.75 4.38 -17.17
CA LEU B 24 5.72 3.29 -17.33
C LEU B 24 5.55 2.20 -16.29
N SER B 25 4.84 2.51 -15.19
CA SER B 25 4.58 1.46 -14.20
C SER B 25 3.82 0.28 -14.78
N ILE B 26 3.00 0.55 -15.79
CA ILE B 26 2.18 -0.51 -16.43
C ILE B 26 3.01 -1.58 -17.14
N PRO B 27 3.80 -1.20 -18.14
CA PRO B 27 4.63 -2.25 -18.77
C PRO B 27 5.69 -2.80 -17.83
N ARG B 28 6.15 -2.00 -16.87
CA ARG B 28 7.12 -2.52 -15.90
C ARG B 28 6.52 -3.62 -15.03
N GLN B 29 5.20 -3.58 -14.82
CA GLN B 29 4.55 -4.67 -14.11
C GLN B 29 4.65 -5.97 -14.90
N SER B 30 4.45 -5.88 -16.22
CA SER B 30 4.65 -7.06 -17.07
C SER B 30 6.09 -7.55 -17.05
N LEU B 31 7.05 -6.62 -17.06
CA LEU B 31 8.46 -7.02 -17.01
C LEU B 31 8.71 -7.82 -15.73
N TYR B 32 8.14 -7.36 -14.63
CA TYR B 32 8.29 -8.03 -13.35
C TYR B 32 7.82 -9.51 -13.43
N TYR B 33 6.65 -9.73 -14.03
CA TYR B 33 6.16 -11.12 -14.20
C TYR B 33 7.02 -11.92 -15.16
N VAL B 34 7.46 -11.30 -16.26
CA VAL B 34 8.36 -12.01 -17.18
C VAL B 34 9.60 -12.48 -16.42
N ASN B 35 10.19 -11.62 -15.60
CA ASN B 35 11.33 -12.00 -14.76
C ASN B 35 11.02 -13.19 -13.85
N LYS B 36 9.82 -13.21 -13.27
CA LYS B 36 9.41 -14.32 -12.41
C LYS B 36 9.35 -15.66 -13.14
N VAL B 37 8.81 -15.67 -14.36
CA VAL B 37 8.57 -16.95 -15.04
C VAL B 37 9.68 -17.43 -15.96
N THR B 38 10.69 -16.58 -16.20
CA THR B 38 11.76 -16.95 -17.13
C THR B 38 13.12 -17.05 -16.43
N SER B 42 17.43 -17.49 -21.12
CA SER B 42 17.29 -16.04 -21.20
C SER B 42 16.29 -15.63 -22.27
N VAL B 43 16.20 -14.33 -22.54
CA VAL B 43 15.22 -13.82 -23.48
C VAL B 43 15.91 -13.05 -24.60
N SER B 44 15.72 -13.49 -25.84
CA SER B 44 16.40 -12.86 -26.98
C SER B 44 15.52 -11.88 -27.76
N ASN B 45 14.20 -12.00 -27.63
CA ASN B 45 13.31 -11.03 -28.24
C ASN B 45 11.94 -10.97 -27.58
N VAL B 46 11.30 -9.82 -27.70
CA VAL B 46 9.98 -9.59 -27.13
C VAL B 46 9.12 -8.98 -28.22
N GLN B 47 7.98 -9.60 -28.48
CA GLN B 47 7.05 -9.09 -29.47
C GLN B 47 5.81 -8.57 -28.80
N VAL B 48 5.45 -7.32 -29.10
CA VAL B 48 4.33 -6.64 -28.47
C VAL B 48 3.27 -6.31 -29.50
N VAL B 49 2.03 -6.72 -29.24
CA VAL B 49 0.90 -6.41 -30.09
C VAL B 49 0.00 -5.43 -29.35
N SER B 50 -0.05 -4.19 -29.85
CA SER B 50 -0.74 -3.12 -29.14
C SER B 50 -1.41 -2.14 -30.11
N PRO B 51 -2.72 -2.27 -30.32
CA PRO B 51 -3.42 -1.31 -31.18
C PRO B 51 -3.14 0.14 -30.80
N CYS B 52 -3.02 0.44 -29.50
CA CYS B 52 -2.59 1.76 -29.06
C CYS B 52 -1.07 1.89 -29.21
N GLN B 53 -0.62 2.66 -30.20
CA GLN B 53 0.80 2.74 -30.52
C GLN B 53 1.65 3.35 -29.40
N LYS B 54 1.17 4.44 -28.80
CA LYS B 54 1.90 5.09 -27.71
C LYS B 54 2.14 4.14 -26.54
N GLN B 55 1.10 3.42 -26.13
CA GLN B 55 1.25 2.43 -25.05
C GLN B 55 2.21 1.33 -25.47
N GLY B 56 2.08 0.85 -26.71
CA GLY B 56 2.98 -0.18 -27.18
C GLY B 56 4.44 0.23 -27.01
N GLN B 57 4.71 1.49 -27.34
CA GLN B 57 6.06 2.03 -27.28
C GLN B 57 6.61 2.04 -25.85
N THR B 58 5.72 2.20 -24.86
CA THR B 58 6.17 2.15 -23.45
C THR B 58 6.72 0.78 -23.06
N TYR B 59 6.27 -0.27 -23.73
CA TYR B 59 6.86 -1.60 -23.50
C TYR B 59 8.31 -1.68 -24.03
N VAL B 60 8.58 -1.02 -25.15
CA VAL B 60 9.95 -0.99 -25.66
C VAL B 60 10.85 -0.34 -24.62
N THR B 61 10.42 0.82 -24.13
CA THR B 61 11.15 1.55 -23.10
C THR B 61 11.33 0.73 -21.80
N ALA B 62 10.24 0.14 -21.33
CA ALA B 62 10.28 -0.62 -20.08
C ALA B 62 11.15 -1.88 -20.13
N PHE B 63 11.21 -2.54 -21.29
CA PHE B 63 11.86 -3.85 -21.35
C PHE B 63 13.38 -3.84 -21.56
N THR B 64 13.95 -2.66 -21.78
CA THR B 64 15.40 -2.54 -21.99
C THR B 64 16.30 -3.34 -21.04
N PRO B 65 16.00 -3.34 -19.72
CA PRO B 65 16.86 -4.13 -18.86
C PRO B 65 16.90 -5.62 -19.25
N LEU B 66 15.84 -6.12 -19.85
CA LEU B 66 15.81 -7.53 -20.24
C LEU B 66 16.44 -7.66 -21.64
N THR B 67 15.97 -6.84 -22.57
CA THR B 67 16.54 -6.81 -23.92
C THR B 67 16.09 -5.56 -24.66
N SER B 68 16.90 -5.04 -25.57
CA SER B 68 16.44 -3.98 -26.44
C SER B 68 15.75 -4.49 -27.70
N ASN B 69 15.78 -5.81 -27.90
CA ASN B 69 15.16 -6.41 -29.08
C ASN B 69 13.65 -6.60 -28.88
N VAL B 70 12.94 -5.48 -28.87
CA VAL B 70 11.50 -5.42 -28.64
C VAL B 70 10.82 -4.72 -29.80
N GLN B 71 9.92 -5.42 -30.47
CA GLN B 71 9.20 -4.85 -31.59
C GLN B 71 7.72 -4.75 -31.31
N VAL B 72 7.12 -3.66 -31.76
CA VAL B 72 5.70 -3.42 -31.59
C VAL B 72 4.96 -3.66 -32.91
N HIS B 73 3.79 -4.28 -32.80
CA HIS B 73 2.89 -4.52 -33.92
C HIS B 73 1.55 -3.94 -33.57
N THR B 74 0.83 -3.46 -34.57
CA THR B 74 -0.42 -2.75 -34.32
C THR B 74 -1.62 -3.66 -34.24
N SER B 75 -1.47 -4.91 -34.68
CA SER B 75 -2.65 -5.73 -34.92
C SER B 75 -2.44 -7.22 -34.74
N LEU B 76 -3.49 -7.90 -34.30
CA LEU B 76 -3.55 -9.35 -34.31
C LEU B 76 -3.24 -9.87 -35.71
N GLU B 77 -3.83 -9.24 -36.72
CA GLU B 77 -3.56 -9.58 -38.12
C GLU B 77 -2.09 -9.93 -38.34
N GLN B 78 -1.21 -9.13 -37.75
CA GLN B 78 0.24 -9.29 -37.95
C GLN B 78 0.81 -10.41 -37.09
N LEU B 79 -0.06 -11.08 -36.33
CA LEU B 79 0.37 -12.13 -35.42
C LEU B 79 0.95 -13.36 -36.15
N SER B 80 0.28 -13.79 -37.22
CA SER B 80 0.73 -14.97 -37.96
C SER B 80 2.10 -14.76 -38.65
N THR B 81 2.43 -13.49 -38.92
CA THR B 81 3.74 -13.13 -39.45
C THR B 81 4.84 -13.53 -38.48
N ILE B 82 4.57 -13.28 -37.19
CA ILE B 82 5.57 -13.43 -36.15
C ILE B 82 5.91 -14.90 -35.90
N ARG B 83 7.16 -15.15 -35.51
CA ARG B 83 7.56 -16.49 -35.12
C ARG B 83 8.63 -16.41 -34.06
N ASN B 84 8.74 -17.46 -33.24
CA ASN B 84 9.82 -17.57 -32.27
C ASN B 84 9.96 -16.37 -31.33
N ALA B 85 8.84 -15.96 -30.73
CA ALA B 85 8.86 -14.85 -29.78
C ALA B 85 9.05 -15.38 -28.36
N ASP B 86 10.25 -15.21 -27.80
CA ASP B 86 10.55 -15.67 -26.46
C ASP B 86 9.52 -15.16 -25.45
N VAL B 87 9.11 -13.91 -25.64
CA VAL B 87 8.06 -13.29 -24.87
C VAL B 87 7.12 -12.63 -25.86
N LEU B 88 5.84 -12.92 -25.69
CA LEU B 88 4.81 -12.39 -26.55
C LEU B 88 3.82 -11.65 -25.67
N ILE B 89 3.61 -10.36 -25.95
CA ILE B 89 2.74 -9.51 -25.13
C ILE B 89 1.61 -8.92 -25.93
N PHE B 90 0.39 -9.11 -25.45
CA PHE B 90 -0.79 -8.50 -26.02
C PHE B 90 -1.30 -7.41 -25.10
N ASN B 91 -1.32 -6.18 -25.61
CA ASN B 91 -1.80 -5.05 -24.83
C ASN B 91 -3.12 -4.54 -25.36
N ASN B 92 -4.21 -4.92 -24.69
CA ASN B 92 -5.57 -4.53 -25.10
C ASN B 92 -5.80 -4.83 -26.58
N ALA B 93 -5.33 -6.02 -26.97
CA ALA B 93 -5.36 -6.48 -28.37
C ALA B 93 -6.53 -7.41 -28.67
N LEU B 94 -7.28 -7.77 -27.63
CA LEU B 94 -8.35 -8.77 -27.80
C LEU B 94 -9.76 -8.21 -27.69
N SER B 95 -9.89 -6.90 -27.53
CA SER B 95 -11.21 -6.33 -27.22
C SER B 95 -12.30 -6.71 -28.22
N GLN B 96 -11.92 -6.88 -29.48
CA GLN B 96 -12.93 -7.11 -30.52
C GLN B 96 -13.33 -8.58 -30.66
N ILE B 97 -12.55 -9.48 -30.06
CA ILE B 97 -12.80 -10.91 -30.23
C ILE B 97 -13.12 -11.66 -28.93
N ILE B 98 -13.13 -10.95 -27.81
CA ILE B 98 -13.35 -11.59 -26.51
C ILE B 98 -14.62 -12.45 -26.47
N THR B 99 -15.72 -11.91 -26.98
CA THR B 99 -17.00 -12.61 -26.91
C THR B 99 -17.22 -13.60 -28.06
N ASN B 100 -16.16 -13.85 -28.83
CA ASN B 100 -16.26 -14.72 -29.99
C ASN B 100 -15.34 -15.94 -29.88
N ALA B 101 -15.84 -17.23 -29.36
CA ALA B 101 -15.08 -18.45 -29.11
C ALA B 101 -14.19 -18.79 -30.29
N ASP B 102 -14.74 -18.72 -31.49
CA ASP B 102 -14.01 -19.09 -32.71
C ASP B 102 -12.77 -18.24 -32.93
N LEU B 103 -12.93 -16.93 -32.83
CA LEU B 103 -11.80 -16.03 -33.02
C LEU B 103 -10.80 -16.14 -31.86
N LEU B 104 -11.31 -16.36 -30.65
CA LEU B 104 -10.44 -16.59 -29.51
C LEU B 104 -9.59 -17.84 -29.71
N THR B 105 -10.21 -18.90 -30.22
CA THR B 105 -9.51 -20.14 -30.44
C THR B 105 -8.41 -19.95 -31.48
N ASP B 106 -8.71 -19.19 -32.52
CA ASP B 106 -7.74 -18.85 -33.56
C ASP B 106 -6.56 -18.12 -32.94
N PHE B 107 -6.87 -17.11 -32.14
CA PHE B 107 -5.84 -16.37 -31.43
C PHE B 107 -4.98 -17.32 -30.58
N LEU B 108 -5.63 -18.17 -29.79
CA LEU B 108 -4.90 -19.11 -28.93
C LEU B 108 -3.96 -20.05 -29.69
N LYS B 109 -4.41 -20.55 -30.85
CA LYS B 109 -3.58 -21.42 -31.65
C LYS B 109 -2.31 -20.71 -32.10
N ASN B 110 -2.45 -19.47 -32.56
CA ASN B 110 -1.29 -18.69 -33.00
C ASN B 110 -0.37 -18.33 -31.85
N ALA B 111 -0.97 -17.85 -30.76
CA ALA B 111 -0.21 -17.42 -29.59
C ALA B 111 0.61 -18.57 -29.00
N THR B 112 0.01 -19.75 -28.93
CA THR B 112 0.68 -20.91 -28.36
C THR B 112 1.80 -21.40 -29.27
N ALA B 113 1.60 -21.28 -30.57
CA ALA B 113 2.58 -21.74 -31.54
C ALA B 113 3.80 -20.83 -31.52
N ILE B 114 3.54 -19.54 -31.35
CA ILE B 114 4.55 -18.50 -31.52
C ILE B 114 5.29 -18.15 -30.22
N GLY B 115 4.57 -18.13 -29.10
CA GLY B 115 5.11 -17.60 -27.85
C GLY B 115 5.73 -18.58 -26.87
N GLY B 116 6.71 -18.11 -26.10
CA GLY B 116 7.27 -18.86 -24.99
C GLY B 116 6.54 -18.43 -23.72
N THR B 117 6.83 -17.22 -23.26
CA THR B 117 6.06 -16.61 -22.21
C THR B 117 5.01 -15.75 -22.89
N VAL B 118 3.77 -15.90 -22.48
CA VAL B 118 2.68 -15.16 -23.07
C VAL B 118 2.00 -14.28 -22.02
N ILE B 119 2.00 -12.97 -22.28
CA ILE B 119 1.35 -11.99 -21.40
C ILE B 119 0.18 -11.37 -22.12
N ILE B 120 -0.97 -11.35 -21.47
CA ILE B 120 -2.14 -10.70 -22.03
C ILE B 120 -2.65 -9.64 -21.05
N ARG B 121 -2.46 -8.38 -21.39
CA ARG B 121 -3.08 -7.28 -20.63
C ARG B 121 -4.40 -6.95 -21.32
N GLU B 122 -5.50 -7.06 -20.59
CA GLU B 122 -6.76 -6.69 -21.16
C GLU B 122 -7.65 -6.03 -20.11
N ASP B 123 -8.10 -4.81 -20.42
CA ASP B 123 -9.02 -4.07 -19.58
C ASP B 123 -10.44 -4.57 -19.81
N LEU B 124 -11.06 -5.12 -18.77
CA LEU B 124 -12.41 -5.68 -18.89
C LEU B 124 -13.50 -4.82 -18.25
N LYS B 125 -13.19 -3.56 -17.93
CA LYS B 125 -14.14 -2.75 -17.17
C LYS B 125 -15.43 -2.50 -17.97
N ASP B 126 -15.31 -2.48 -19.29
CA ASP B 126 -16.45 -2.15 -20.14
C ASP B 126 -17.18 -3.36 -20.73
N CYS B 127 -16.75 -4.57 -20.38
CA CYS B 127 -17.49 -5.77 -20.81
C CYS B 127 -18.88 -5.77 -20.21
N SER B 128 -19.86 -6.26 -20.97
CA SER B 128 -21.22 -6.37 -20.43
C SER B 128 -21.28 -7.46 -19.36
N ASP B 129 -20.43 -8.49 -19.49
CA ASP B 129 -20.29 -9.50 -18.44
C ASP B 129 -19.24 -9.05 -17.43
N LYS B 130 -19.68 -8.67 -16.24
CA LYS B 130 -18.80 -8.13 -15.22
C LYS B 130 -17.95 -9.21 -14.57
N ARG B 131 -18.14 -10.45 -15.03
CA ARG B 131 -17.32 -11.58 -14.59
C ARG B 131 -16.62 -12.27 -15.77
N GLN B 132 -16.42 -11.51 -16.84
CA GLN B 132 -15.69 -11.95 -18.02
C GLN B 132 -14.32 -12.56 -17.69
N VAL B 133 -13.68 -12.09 -16.63
CA VAL B 133 -12.37 -12.62 -16.29
C VAL B 133 -12.41 -14.13 -16.07
N ALA B 134 -13.52 -14.66 -15.54
CA ALA B 134 -13.60 -16.09 -15.31
C ALA B 134 -13.74 -16.85 -16.63
N ARG B 135 -14.53 -16.29 -17.54
CA ARG B 135 -14.70 -16.95 -18.83
C ARG B 135 -13.39 -16.98 -19.60
N LEU B 136 -12.66 -15.87 -19.59
CA LEU B 136 -11.38 -15.83 -20.27
C LEU B 136 -10.37 -16.75 -19.62
N THR B 137 -10.31 -16.74 -18.28
CA THR B 137 -9.36 -17.62 -17.62
C THR B 137 -9.60 -19.08 -17.97
N ASP B 138 -10.87 -19.47 -17.98
CA ASP B 138 -11.22 -20.84 -18.28
C ASP B 138 -10.79 -21.21 -19.70
N TYR B 139 -11.11 -20.33 -20.66
CA TYR B 139 -10.80 -20.58 -22.06
C TYR B 139 -9.31 -20.74 -22.28
N PHE B 140 -8.53 -19.84 -21.68
CA PHE B 140 -7.09 -19.86 -21.82
C PHE B 140 -6.47 -21.09 -21.14
N ASP B 141 -7.04 -21.47 -19.99
CA ASP B 141 -6.47 -22.51 -19.15
C ASP B 141 -6.68 -23.89 -19.72
N VAL B 142 -7.79 -24.10 -20.43
CA VAL B 142 -8.10 -25.45 -20.91
C VAL B 142 -7.75 -25.67 -22.38
N PHE B 143 -7.39 -24.61 -23.09
CA PHE B 143 -7.01 -24.74 -24.51
C PHE B 143 -5.85 -25.71 -24.71
N ARG B 144 -6.01 -26.63 -25.66
CA ARG B 144 -4.94 -27.57 -25.99
C ARG B 144 -4.86 -27.68 -27.50
N THR B 145 -3.64 -27.90 -28.01
CA THR B 145 -3.44 -28.02 -29.45
C THR B 145 -2.17 -28.83 -29.72
N THR B 146 -2.05 -29.32 -30.95
CA THR B 146 -0.88 -30.08 -31.38
C THR B 146 0.15 -29.18 -32.04
N ASP B 147 1.40 -29.29 -31.63
CA ASP B 147 2.46 -28.52 -32.28
C ASP B 147 2.99 -29.26 -33.51
N SER B 148 4.06 -28.74 -34.11
CA SER B 148 4.64 -29.33 -35.30
C SER B 148 5.17 -30.73 -35.05
N ASP B 149 5.32 -31.10 -33.77
CA ASP B 149 5.82 -32.43 -33.40
C ASP B 149 4.68 -33.37 -33.05
N GLY B 150 3.44 -32.89 -33.15
CA GLY B 150 2.29 -33.65 -32.72
C GLY B 150 2.26 -33.81 -31.21
N ASN B 151 2.95 -32.90 -30.51
CA ASN B 151 2.91 -32.87 -29.05
C ASN B 151 1.72 -32.07 -28.52
N ASN B 152 1.25 -32.44 -27.34
CA ASN B 152 0.13 -31.77 -26.69
C ASN B 152 0.57 -30.49 -25.97
N THR B 153 0.15 -29.34 -26.49
CA THR B 153 0.67 -28.08 -25.96
C THR B 153 -0.46 -27.17 -25.48
N GLY B 154 -0.10 -26.23 -24.60
CA GLY B 154 -1.08 -25.28 -24.11
C GLY B 154 -0.39 -24.18 -23.33
N LEU B 155 -1.20 -23.40 -22.62
CA LEU B 155 -0.67 -22.31 -21.79
C LEU B 155 -0.78 -22.72 -20.32
N ASP B 156 0.32 -22.62 -19.58
CA ASP B 156 0.34 -22.97 -18.16
C ASP B 156 0.26 -21.68 -17.33
N LEU B 157 -0.85 -21.51 -16.60
CA LEU B 157 -1.10 -20.30 -15.80
C LEU B 157 -0.06 -20.06 -14.73
N TYR B 158 0.49 -18.84 -14.75
CA TYR B 158 1.23 -18.36 -13.58
C TYR B 158 0.24 -17.57 -12.71
N THR B 159 -0.35 -16.51 -13.27
CA THR B 159 -1.33 -15.74 -12.52
C THR B 159 -2.21 -14.92 -13.43
N VAL B 160 -3.37 -14.53 -12.92
CA VAL B 160 -4.14 -13.41 -13.48
C VAL B 160 -4.16 -12.33 -12.40
N ASP B 161 -3.37 -11.27 -12.61
CA ASP B 161 -3.26 -10.17 -11.66
C ASP B 161 -3.97 -8.93 -12.16
N GLN B 162 -4.22 -7.98 -11.25
CA GLN B 162 -4.75 -6.67 -11.63
C GLN B 162 -3.59 -5.72 -11.97
N VAL B 163 -3.79 -4.86 -12.99
CA VAL B 163 -2.83 -3.79 -13.28
C VAL B 163 -2.85 -2.81 -12.09
N GLU B 164 -1.71 -2.70 -11.40
N GLU B 164 -1.71 -2.68 -11.41
CA GLU B 164 -1.65 -1.87 -10.18
CA GLU B 164 -1.67 -1.88 -10.19
C GLU B 164 -1.96 -0.40 -10.42
C GLU B 164 -1.95 -0.40 -10.42
N HIS B 165 -1.51 0.13 -11.56
CA HIS B 165 -1.83 1.52 -11.90
C HIS B 165 -3.32 1.71 -11.92
N SER B 166 -4.03 0.75 -12.47
CA SER B 166 -5.49 0.86 -12.56
C SER B 166 -6.16 0.80 -11.19
N ASN B 167 -5.69 -0.07 -10.30
CA ASN B 167 -6.26 -0.16 -8.96
C ASN B 167 -6.06 1.14 -8.19
N TYR B 168 -4.87 1.69 -8.28
CA TYR B 168 -4.45 2.78 -7.39
C TYR B 168 -4.70 4.20 -7.93
N VAL B 169 -4.70 4.34 -9.25
CA VAL B 169 -4.93 5.63 -9.89
C VAL B 169 -6.38 5.79 -10.36
N GLU B 170 -6.87 4.86 -11.19
CA GLU B 170 -8.25 5.02 -11.71
C GLU B 170 -9.34 4.32 -10.88
N GLN B 171 -8.93 3.52 -9.91
CA GLN B 171 -9.85 2.63 -9.20
C GLN B 171 -10.68 1.78 -10.16
N ASN B 172 -10.04 1.40 -11.25
CA ASN B 172 -10.57 0.36 -12.13
C ASN B 172 -9.97 -0.95 -11.64
N PHE B 173 -10.79 -1.84 -11.12
CA PHE B 173 -10.32 -3.11 -10.55
C PHE B 173 -10.50 -4.31 -11.50
N LEU B 174 -10.88 -4.02 -12.75
CA LEU B 174 -11.10 -5.06 -13.76
C LEU B 174 -10.13 -4.95 -14.94
N ASP B 175 -8.91 -4.47 -14.68
CA ASP B 175 -7.85 -4.39 -15.72
C ASP B 175 -6.81 -5.45 -15.37
N PHE B 176 -6.68 -6.45 -16.24
CA PHE B 176 -5.94 -7.66 -15.88
C PHE B 176 -4.69 -7.90 -16.69
N ILE B 177 -3.73 -8.53 -16.04
CA ILE B 177 -2.56 -9.09 -16.71
C ILE B 177 -2.57 -10.59 -16.50
N PHE B 178 -2.82 -11.34 -17.59
CA PHE B 178 -2.76 -12.79 -17.56
C PHE B 178 -1.33 -13.20 -17.91
N VAL B 179 -0.74 -14.07 -17.11
CA VAL B 179 0.64 -14.50 -17.33
C VAL B 179 0.68 -16.01 -17.51
N PHE B 180 1.22 -16.46 -18.64
CA PHE B 180 1.31 -17.89 -18.99
C PHE B 180 2.69 -18.27 -19.52
N ARG B 181 3.05 -19.54 -19.32
CA ARG B 181 4.18 -20.14 -20.03
C ARG B 181 3.63 -21.19 -20.97
N LYS B 182 4.00 -21.13 -22.25
CA LYS B 182 3.60 -22.17 -23.18
C LYS B 182 4.35 -23.41 -22.81
N LYS B 183 3.68 -24.56 -22.78
CA LYS B 183 4.41 -25.79 -22.50
C LYS B 183 3.73 -27.02 -23.08
N VAL B 184 4.49 -28.11 -23.09
CA VAL B 184 3.93 -29.41 -23.44
C VAL B 184 3.33 -30.01 -22.17
N PHE B 185 2.08 -30.44 -22.27
CA PHE B 185 1.41 -31.03 -21.13
C PHE B 185 1.42 -32.54 -21.22
N ALA B 186 1.80 -33.17 -20.11
CA ALA B 186 1.66 -34.62 -19.97
C ALA B 186 0.18 -34.97 -20.09
N PRO B 187 -0.12 -36.21 -20.52
CA PRO B 187 -1.51 -36.65 -20.69
C PRO B 187 -2.31 -36.62 -19.39
N THR B 188 -3.58 -36.27 -19.47
CA THR B 188 -4.46 -36.25 -18.30
C THR B 188 -5.55 -37.30 -18.43
N THR B 189 -6.12 -37.69 -17.29
CA THR B 189 -7.06 -38.78 -17.29
C THR B 189 -8.47 -38.40 -16.85
N ASP B 190 -8.63 -37.26 -16.18
CA ASP B 190 -9.94 -36.88 -15.65
C ASP B 190 -10.74 -36.03 -16.59
N ALA B 191 -12.00 -35.80 -16.24
CA ALA B 191 -12.88 -34.98 -17.05
C ALA B 191 -12.47 -33.52 -17.00
N THR B 192 -11.78 -33.14 -15.93
CA THR B 192 -11.23 -31.79 -15.84
C THR B 192 -9.73 -31.89 -16.09
N ILE B 193 -9.15 -30.90 -16.73
CA ILE B 193 -7.78 -31.09 -17.19
C ILE B 193 -6.74 -30.29 -16.40
N THR B 194 -7.20 -29.42 -15.50
CA THR B 194 -6.32 -28.78 -14.54
C THR B 194 -7.02 -28.73 -13.18
N PHE B 195 -6.26 -28.44 -12.12
CA PHE B 195 -6.89 -28.26 -10.80
C PHE B 195 -7.81 -27.04 -10.77
N ARG B 196 -7.38 -25.97 -11.44
CA ARG B 196 -8.23 -24.80 -11.65
C ARG B 196 -9.60 -25.20 -12.23
N ASP B 197 -9.56 -26.00 -13.30
CA ASP B 197 -10.79 -26.48 -13.94
C ASP B 197 -11.63 -27.33 -12.96
N PHE B 198 -10.96 -28.18 -12.20
CA PHE B 198 -11.66 -29.03 -11.23
C PHE B 198 -12.42 -28.18 -10.20
N LEU B 199 -11.78 -27.14 -9.68
CA LEU B 199 -12.45 -26.25 -8.72
C LEU B 199 -13.67 -25.56 -9.32
N ASP B 200 -13.49 -24.98 -10.51
CA ASP B 200 -14.54 -24.20 -11.13
C ASP B 200 -15.69 -25.07 -11.67
N LYS B 201 -15.42 -26.34 -11.95
CA LYS B 201 -16.45 -27.21 -12.54
C LYS B 201 -17.14 -28.13 -11.56
N THR B 202 -16.60 -28.22 -10.36
CA THR B 202 -17.07 -29.22 -9.38
C THR B 202 -17.63 -28.53 -8.13
N GLN B 203 -16.80 -28.26 -7.14
CA GLN B 203 -17.31 -27.65 -5.91
C GLN B 203 -17.66 -26.17 -6.04
N TYR B 204 -16.94 -25.45 -6.90
CA TYR B 204 -17.10 -24.01 -6.95
C TYR B 204 -17.61 -23.54 -8.31
N THR B 205 -18.66 -24.22 -8.77
CA THR B 205 -19.48 -23.71 -9.85
C THR B 205 -20.16 -22.44 -9.34
N ASN B 206 -20.60 -21.59 -10.26
CA ASN B 206 -21.34 -20.41 -9.83
C ASN B 206 -22.59 -20.75 -8.99
N THR B 207 -23.35 -21.75 -9.43
CA THR B 207 -24.49 -22.16 -8.61
C THR B 207 -24.05 -22.68 -7.24
N GLY B 208 -22.95 -23.42 -7.20
CA GLY B 208 -22.42 -23.98 -5.95
C GLY B 208 -22.05 -22.84 -5.00
N ILE B 209 -21.35 -21.86 -5.53
CA ILE B 209 -20.93 -20.70 -4.75
C ILE B 209 -22.13 -19.92 -4.20
N ASP B 210 -23.13 -19.66 -5.04
CA ASP B 210 -24.33 -18.95 -4.62
C ASP B 210 -25.03 -19.67 -3.45
N ALA B 211 -25.13 -20.99 -3.54
CA ALA B 211 -25.78 -21.77 -2.48
C ALA B 211 -24.97 -21.71 -1.18
N TYR B 212 -23.66 -21.94 -1.30
CA TYR B 212 -22.80 -21.78 -0.14
C TYR B 212 -22.91 -20.38 0.49
N GLU B 213 -22.91 -19.32 -0.32
CA GLU B 213 -22.94 -17.96 0.23
C GLU B 213 -24.22 -17.75 1.03
N TRP B 214 -25.34 -18.27 0.52
CA TRP B 214 -26.58 -18.16 1.30
C TRP B 214 -26.43 -18.85 2.64
N MET B 215 -25.82 -20.02 2.64
CA MET B 215 -25.71 -20.81 3.87
C MET B 215 -24.77 -20.21 4.91
N PHE B 216 -23.61 -19.72 4.46
CA PHE B 216 -22.58 -19.23 5.35
C PHE B 216 -22.75 -17.75 5.73
N GLY B 217 -23.32 -16.95 4.83
CA GLY B 217 -23.49 -15.52 5.06
C GLY B 217 -22.86 -14.70 3.95
N VAL B 218 -23.44 -13.52 3.69
CA VAL B 218 -23.00 -12.67 2.60
C VAL B 218 -21.47 -12.47 2.59
N ASN B 219 -20.87 -12.71 1.42
CA ASN B 219 -19.42 -12.54 1.18
C ASN B 219 -18.52 -13.64 1.71
N PHE B 220 -19.12 -14.66 2.31
CA PHE B 220 -18.33 -15.73 2.93
C PHE B 220 -18.67 -17.13 2.43
N ILE B 221 -17.64 -17.97 2.35
CA ILE B 221 -17.79 -19.37 2.01
C ILE B 221 -17.09 -20.17 3.08
N SER B 222 -17.32 -19.79 4.35
CA SER B 222 -16.63 -20.46 5.47
C SER B 222 -17.53 -20.35 6.70
N PRO B 223 -17.44 -21.33 7.61
CA PRO B 223 -18.29 -21.42 8.80
C PRO B 223 -18.54 -20.10 9.52
N GLY B 224 -19.81 -19.76 9.73
CA GLY B 224 -20.13 -18.67 10.68
C GLY B 224 -20.11 -17.26 10.12
N GLY B 225 -19.73 -17.09 8.85
CA GLY B 225 -19.85 -15.77 8.20
C GLY B 225 -19.01 -14.66 8.83
N TYR B 226 -19.47 -13.42 8.67
CA TYR B 226 -18.72 -12.24 9.11
C TYR B 226 -18.27 -12.30 10.57
N ASP B 227 -19.22 -12.57 11.47
CA ASP B 227 -18.90 -12.51 12.89
C ASP B 227 -17.88 -13.55 13.33
N GLU B 228 -17.94 -14.75 12.75
CA GLU B 228 -16.98 -15.75 13.12
C GLU B 228 -15.59 -15.41 12.58
N ASN B 229 -15.55 -14.92 11.35
CA ASN B 229 -14.27 -14.54 10.79
C ASN B 229 -13.61 -13.42 11.60
N LEU B 230 -14.42 -12.48 12.08
CA LEU B 230 -13.88 -11.37 12.86
C LEU B 230 -13.28 -11.85 14.18
N LYS B 231 -13.98 -12.77 14.86
CA LYS B 231 -13.42 -13.41 16.05
C LYS B 231 -12.07 -14.07 15.80
N ILE B 232 -11.99 -14.81 14.69
CA ILE B 232 -10.76 -15.51 14.35
C ILE B 232 -9.61 -14.54 14.06
N ILE B 233 -9.85 -13.52 13.24
CA ILE B 233 -8.73 -12.63 12.84
C ILE B 233 -8.22 -11.81 14.01
N LYS B 234 -9.08 -11.53 14.98
CA LYS B 234 -8.65 -10.77 16.13
C LYS B 234 -7.62 -11.56 16.95
N ARG B 235 -7.49 -12.86 16.65
CA ARG B 235 -6.44 -13.67 17.27
C ARG B 235 -5.00 -13.36 16.82
N PHE B 236 -4.84 -12.64 15.71
CA PHE B 236 -3.52 -12.19 15.30
C PHE B 236 -2.92 -11.22 16.31
N GLY B 237 -3.79 -10.52 17.04
CA GLY B 237 -3.33 -9.55 18.02
C GLY B 237 -3.65 -8.16 17.51
N ASP B 238 -2.74 -7.23 17.74
CA ASP B 238 -2.98 -5.82 17.43
C ASP B 238 -2.56 -5.40 16.03
N PHE B 239 -3.53 -5.12 15.17
CA PHE B 239 -3.21 -4.66 13.83
C PHE B 239 -2.84 -3.18 13.84
N LYS B 240 -2.01 -2.79 12.88
CA LYS B 240 -1.63 -1.41 12.66
C LYS B 240 -1.99 -1.02 11.22
N PRO B 241 -2.44 0.23 11.01
CA PRO B 241 -2.85 0.61 9.66
C PRO B 241 -1.71 0.49 8.67
N GLY B 242 -2.01 -0.06 7.50
CA GLY B 242 -1.04 -0.15 6.41
C GLY B 242 -0.16 -1.38 6.44
N GLN B 243 -0.31 -2.20 7.49
CA GLN B 243 0.39 -3.51 7.50
C GLN B 243 -0.17 -4.35 6.37
N THR B 244 0.58 -5.35 5.94
CA THR B 244 0.14 -6.16 4.80
C THR B 244 -0.18 -7.61 5.16
N MET B 245 -1.18 -8.17 4.48
CA MET B 245 -1.62 -9.54 4.71
C MET B 245 -1.81 -10.26 3.39
N LEU B 246 -1.31 -11.50 3.34
CA LEU B 246 -1.62 -12.41 2.23
C LEU B 246 -2.77 -13.30 2.70
N ASP B 247 -3.85 -13.36 1.93
CA ASP B 247 -4.97 -14.25 2.22
C ASP B 247 -5.00 -15.38 1.17
N ILE B 248 -4.72 -16.59 1.64
CA ILE B 248 -4.64 -17.77 0.77
C ILE B 248 -5.99 -18.46 0.67
N GLY B 249 -6.56 -18.46 -0.53
CA GLY B 249 -7.87 -19.03 -0.77
C GLY B 249 -8.95 -18.04 -0.37
N VAL B 250 -8.86 -16.84 -0.90
CA VAL B 250 -9.67 -15.71 -0.45
C VAL B 250 -11.14 -15.80 -0.87
N GLY B 251 -11.48 -16.74 -1.76
CA GLY B 251 -12.86 -16.98 -2.13
C GLY B 251 -13.53 -15.79 -2.77
N ILE B 252 -14.73 -15.45 -2.30
CA ILE B 252 -15.48 -14.31 -2.86
C ILE B 252 -15.17 -13.00 -2.14
N GLY B 253 -14.22 -13.04 -1.22
CA GLY B 253 -13.52 -11.85 -0.75
C GLY B 253 -13.94 -11.27 0.58
N GLY B 254 -14.95 -11.86 1.21
CA GLY B 254 -15.45 -11.27 2.46
C GLY B 254 -14.42 -11.05 3.58
N GLY B 255 -13.51 -12.00 3.73
CA GLY B 255 -12.48 -11.86 4.75
C GLY B 255 -11.52 -10.73 4.43
N ALA B 256 -11.05 -10.67 3.18
CA ALA B 256 -10.15 -9.62 2.77
C ALA B 256 -10.80 -8.26 2.97
N ARG B 257 -12.05 -8.14 2.52
CA ARG B 257 -12.77 -6.87 2.63
C ARG B 257 -12.94 -6.47 4.10
N GLN B 258 -13.22 -7.46 4.95
CA GLN B 258 -13.41 -7.20 6.39
C GLN B 258 -12.13 -6.66 7.04
N VAL B 259 -10.98 -7.30 6.79
N VAL B 259 -11.01 -7.32 6.78
CA VAL B 259 -9.77 -6.83 7.44
CA VAL B 259 -9.73 -6.91 7.34
C VAL B 259 -9.37 -5.43 6.95
C VAL B 259 -9.36 -5.46 6.94
N ALA B 260 -9.58 -5.12 5.67
CA ALA B 260 -9.30 -3.76 5.17
C ALA B 260 -10.23 -2.74 5.85
N ASP B 261 -11.53 -3.05 5.88
CA ASP B 261 -12.48 -2.08 6.39
C ASP B 261 -12.36 -1.89 7.90
N GLU B 262 -12.13 -2.98 8.63
CA GLU B 262 -12.06 -2.91 10.09
C GLU B 262 -10.74 -2.35 10.59
N PHE B 263 -9.64 -2.71 9.92
CA PHE B 263 -8.30 -2.45 10.46
C PHE B 263 -7.33 -1.68 9.55
N GLY B 264 -7.74 -1.39 8.31
CA GLY B 264 -6.87 -0.65 7.40
C GLY B 264 -5.64 -1.43 6.96
N VAL B 265 -5.74 -2.75 7.04
CA VAL B 265 -4.67 -3.64 6.59
C VAL B 265 -4.83 -3.86 5.09
N HIS B 266 -3.72 -3.86 4.37
CA HIS B 266 -3.76 -4.08 2.92
C HIS B 266 -3.65 -5.54 2.63
N VAL B 267 -4.63 -6.08 1.93
CA VAL B 267 -4.75 -7.53 1.74
C VAL B 267 -4.51 -7.87 0.26
N HIS B 268 -3.63 -8.84 0.05
CA HIS B 268 -3.43 -9.47 -1.27
C HIS B 268 -4.08 -10.84 -1.15
N GLY B 269 -5.24 -10.98 -1.77
CA GLY B 269 -5.96 -12.25 -1.74
C GLY B 269 -5.67 -13.07 -2.97
N ILE B 270 -5.42 -14.37 -2.79
CA ILE B 270 -5.23 -15.24 -3.95
C ILE B 270 -6.23 -16.40 -3.93
N ASP B 271 -6.63 -16.86 -5.11
CA ASP B 271 -7.51 -18.02 -5.17
C ASP B 271 -7.35 -18.65 -6.54
N LEU B 272 -7.44 -19.97 -6.60
CA LEU B 272 -7.29 -20.65 -7.90
C LEU B 272 -8.63 -20.84 -8.60
N SER B 273 -9.73 -20.65 -7.89
CA SER B 273 -11.04 -20.66 -8.53
C SER B 273 -11.35 -19.33 -9.21
N SER B 274 -11.40 -19.33 -10.54
CA SER B 274 -11.74 -18.11 -11.25
C SER B 274 -13.20 -17.69 -11.03
N ASN B 275 -14.08 -18.65 -10.74
CA ASN B 275 -15.47 -18.33 -10.44
C ASN B 275 -15.57 -17.55 -9.12
N MET B 276 -14.82 -18.02 -8.12
CA MET B 276 -14.79 -17.34 -6.81
C MET B 276 -14.27 -15.92 -7.00
N LEU B 277 -13.09 -15.81 -7.58
CA LEU B 277 -12.47 -14.48 -7.64
C LEU B 277 -13.18 -13.52 -8.59
N ALA B 278 -13.81 -14.04 -9.65
CA ALA B 278 -14.54 -13.15 -10.53
C ALA B 278 -15.66 -12.42 -9.74
N ILE B 279 -16.27 -13.10 -8.76
CA ILE B 279 -17.27 -12.45 -7.90
C ILE B 279 -16.59 -11.42 -6.97
N ALA B 280 -15.50 -11.82 -6.32
CA ALA B 280 -14.73 -10.88 -5.48
C ALA B 280 -14.33 -9.64 -6.27
N LEU B 281 -13.87 -9.84 -7.50
CA LEU B 281 -13.41 -8.73 -8.33
C LEU B 281 -14.56 -7.82 -8.72
N GLU B 282 -15.68 -8.44 -9.11
CA GLU B 282 -16.86 -7.66 -9.47
C GLU B 282 -17.28 -6.75 -8.30
N ARG B 283 -17.26 -7.31 -7.10
CA ARG B 283 -17.73 -6.60 -5.91
C ARG B 283 -16.74 -5.51 -5.53
N LEU B 284 -15.45 -5.76 -5.74
CA LEU B 284 -14.44 -4.74 -5.45
C LEU B 284 -14.54 -3.59 -6.45
N HIS B 285 -14.80 -3.91 -7.71
CA HIS B 285 -14.95 -2.88 -8.73
C HIS B 285 -16.15 -2.03 -8.46
N GLU B 286 -17.20 -2.63 -7.89
CA GLU B 286 -18.42 -1.89 -7.56
C GLU B 286 -18.20 -0.98 -6.35
N GLU B 287 -17.60 -1.52 -5.30
CA GLU B 287 -17.42 -0.89 -4.02
C GLU B 287 -15.93 -0.78 -3.83
N LYS B 288 -15.33 0.20 -4.41
CA LYS B 288 -13.93 0.38 -4.55
C LYS B 288 -13.13 0.50 -3.25
N ASP B 289 -12.01 -0.20 -3.14
CA ASP B 289 -11.18 -0.13 -1.97
C ASP B 289 -9.79 -0.57 -2.38
N SER B 290 -8.88 0.36 -2.59
N SER B 290 -8.89 0.39 -2.56
CA SER B 290 -7.58 -0.05 -3.12
CA SER B 290 -7.56 0.11 -3.08
C SER B 290 -6.66 -0.64 -2.07
C SER B 290 -6.67 -0.62 -2.08
N ARG B 291 -7.16 -0.83 -0.86
CA ARG B 291 -6.41 -1.63 0.12
C ARG B 291 -6.42 -3.13 -0.20
N VAL B 292 -7.27 -3.53 -1.14
CA VAL B 292 -7.47 -4.94 -1.50
C VAL B 292 -7.06 -5.19 -2.95
N LYS B 293 -6.29 -6.24 -3.16
CA LYS B 293 -5.97 -6.66 -4.54
C LYS B 293 -6.04 -8.18 -4.61
N TYR B 294 -6.29 -8.71 -5.80
CA TYR B 294 -6.58 -10.13 -5.96
C TYR B 294 -5.78 -10.72 -7.12
N SER B 295 -5.41 -12.00 -6.95
CA SER B 295 -4.73 -12.79 -7.98
C SER B 295 -5.41 -14.14 -8.18
N ILE B 296 -5.71 -14.49 -9.42
CA ILE B 296 -6.16 -15.85 -9.73
C ILE B 296 -4.90 -16.67 -9.95
N THR B 297 -4.59 -17.53 -9.00
CA THR B 297 -3.31 -18.22 -8.99
C THR B 297 -3.36 -19.35 -7.97
N ASP B 298 -2.48 -20.34 -8.17
CA ASP B 298 -2.28 -21.42 -7.21
C ASP B 298 -1.31 -20.97 -6.10
N ALA B 299 -1.69 -21.21 -4.83
CA ALA B 299 -0.82 -20.89 -3.72
C ALA B 299 0.56 -21.53 -3.81
N LEU B 300 0.71 -22.63 -4.54
CA LEU B 300 2.03 -23.29 -4.67
C LEU B 300 2.81 -22.85 -5.90
N VAL B 301 2.24 -21.93 -6.68
CA VAL B 301 2.83 -21.46 -7.94
C VAL B 301 3.26 -19.99 -7.85
N TYR B 302 2.37 -19.12 -7.38
CA TYR B 302 2.71 -17.69 -7.32
C TYR B 302 3.98 -17.48 -6.51
N GLN B 303 4.86 -16.61 -6.99
CA GLN B 303 6.12 -16.36 -6.31
C GLN B 303 6.05 -15.02 -5.58
N PHE B 304 5.86 -15.08 -4.27
CA PHE B 304 5.85 -13.87 -3.47
C PHE B 304 7.27 -13.42 -3.15
N GLU B 305 7.45 -12.14 -2.89
CA GLU B 305 8.76 -11.69 -2.47
C GLU B 305 9.05 -12.12 -1.04
N ASP B 306 10.27 -12.58 -0.78
CA ASP B 306 10.65 -12.99 0.57
C ASP B 306 10.50 -11.83 1.56
N ASN B 307 10.15 -12.14 2.79
CA ASN B 307 10.15 -11.16 3.88
C ASN B 307 9.32 -9.92 3.54
N SER B 308 8.12 -10.15 3.01
CA SER B 308 7.29 -9.02 2.59
C SER B 308 5.98 -8.83 3.34
N PHE B 309 5.40 -9.88 3.91
CA PHE B 309 4.09 -9.76 4.57
C PHE B 309 4.16 -9.69 6.09
N ASP B 310 3.33 -8.83 6.68
CA ASP B 310 3.16 -8.85 8.13
C ASP B 310 2.36 -10.07 8.60
N TYR B 311 1.41 -10.49 7.77
CA TYR B 311 0.47 -11.57 8.12
C TYR B 311 0.24 -12.48 6.92
N VAL B 312 0.11 -13.78 7.19
CA VAL B 312 -0.50 -14.69 6.21
C VAL B 312 -1.71 -15.35 6.87
N PHE B 313 -2.86 -15.29 6.21
CA PHE B 313 -4.12 -15.81 6.72
C PHE B 313 -4.68 -16.80 5.72
N SER B 314 -5.20 -17.94 6.20
CA SER B 314 -5.91 -18.84 5.32
C SER B 314 -7.12 -19.40 6.05
N ARG B 315 -8.30 -19.08 5.53
CA ARG B 315 -9.54 -19.44 6.19
C ARG B 315 -10.25 -20.57 5.44
N ASP B 316 -10.15 -21.77 6.00
CA ASP B 316 -10.88 -22.95 5.53
C ASP B 316 -10.68 -23.26 4.05
N CYS B 317 -9.39 -23.27 3.71
CA CYS B 317 -8.89 -23.52 2.35
C CYS B 317 -7.97 -24.74 2.27
N ILE B 318 -7.04 -24.88 3.20
CA ILE B 318 -5.88 -25.74 2.87
C ILE B 318 -6.16 -27.25 2.88
N GLN B 319 -7.35 -27.65 3.30
CA GLN B 319 -7.76 -29.05 3.11
C GLN B 319 -7.72 -29.38 1.60
N HIS B 320 -7.74 -28.36 0.75
CA HIS B 320 -7.68 -28.57 -0.70
C HIS B 320 -6.28 -28.79 -1.22
N ILE B 321 -5.29 -28.53 -0.39
CA ILE B 321 -3.88 -28.50 -0.86
C ILE B 321 -3.10 -29.69 -0.32
N PRO B 322 -2.66 -30.60 -1.20
CA PRO B 322 -1.99 -31.80 -0.68
C PRO B 322 -0.63 -31.54 -0.03
N ASP B 323 0.19 -30.68 -0.64
CA ASP B 323 1.58 -30.53 -0.22
C ASP B 323 1.70 -29.44 0.84
N THR B 324 1.32 -29.80 2.05
CA THR B 324 1.33 -28.88 3.17
C THR B 324 2.72 -28.39 3.51
N GLU B 325 3.71 -29.26 3.40
CA GLU B 325 5.09 -28.88 3.65
C GLU B 325 5.57 -27.77 2.71
N LYS B 326 5.35 -27.96 1.41
CA LYS B 326 5.73 -26.94 0.44
C LYS B 326 4.97 -25.63 0.74
N LEU B 327 3.68 -25.74 1.01
CA LEU B 327 2.89 -24.54 1.33
C LEU B 327 3.48 -23.80 2.53
N PHE B 328 3.76 -24.53 3.61
CA PHE B 328 4.30 -23.91 4.82
C PHE B 328 5.67 -23.28 4.57
N SER B 329 6.51 -23.92 3.77
CA SER B 329 7.79 -23.34 3.37
C SER B 329 7.60 -22.00 2.63
N ARG B 330 6.64 -21.96 1.72
CA ARG B 330 6.42 -20.73 0.94
C ARG B 330 5.87 -19.63 1.84
N ILE B 331 4.98 -19.99 2.76
CA ILE B 331 4.48 -19.02 3.74
C ILE B 331 5.61 -18.48 4.61
N TYR B 332 6.46 -19.36 5.14
CA TYR B 332 7.56 -18.94 5.97
C TYR B 332 8.45 -17.91 5.26
N LYS B 333 8.80 -18.20 4.01
CA LYS B 333 9.69 -17.30 3.26
C LYS B 333 9.04 -15.93 2.99
N ALA B 334 7.75 -15.94 2.71
CA ALA B 334 7.03 -14.70 2.36
C ALA B 334 6.80 -13.79 3.55
N LEU B 335 6.69 -14.35 4.74
CA LEU B 335 6.53 -13.52 5.95
C LEU B 335 7.75 -12.69 6.27
N LYS B 336 7.52 -11.48 6.77
CA LYS B 336 8.59 -10.74 7.42
C LYS B 336 9.00 -11.45 8.71
N PRO B 337 10.29 -11.33 9.09
CA PRO B 337 10.63 -11.79 10.44
C PRO B 337 9.70 -11.20 11.51
N GLY B 338 9.21 -12.02 12.44
CA GLY B 338 8.23 -11.55 13.41
C GLY B 338 6.78 -11.58 12.92
N GLY B 339 6.60 -11.82 11.62
CA GLY B 339 5.26 -11.91 11.04
C GLY B 339 4.50 -13.14 11.51
N LYS B 340 3.19 -13.11 11.41
CA LYS B 340 2.35 -14.19 11.92
C LYS B 340 1.57 -14.88 10.83
N VAL B 341 1.38 -16.19 11.01
CA VAL B 341 0.50 -16.97 10.16
C VAL B 341 -0.67 -17.53 10.97
N LEU B 342 -1.88 -17.42 10.44
CA LEU B 342 -3.06 -18.00 11.07
C LEU B 342 -3.83 -18.77 10.00
N ILE B 343 -4.00 -20.07 10.25
CA ILE B 343 -4.75 -20.93 9.33
C ILE B 343 -5.85 -21.67 10.09
N THR B 344 -7.07 -21.62 9.58
CA THR B 344 -8.11 -22.56 10.00
C THR B 344 -8.37 -23.52 8.85
N MET B 345 -8.70 -24.76 9.17
CA MET B 345 -8.84 -25.77 8.12
C MET B 345 -9.76 -26.91 8.54
N TYR B 346 -10.32 -27.59 7.56
CA TYR B 346 -10.87 -28.91 7.85
C TYR B 346 -9.69 -29.83 8.06
N GLY B 347 -9.77 -30.67 9.09
CA GLY B 347 -8.75 -31.66 9.33
C GLY B 347 -9.39 -32.96 9.76
N LYS B 348 -8.58 -33.94 10.10
CA LYS B 348 -9.14 -35.20 10.59
C LYS B 348 -8.94 -35.32 12.09
N GLY B 349 -9.93 -35.92 12.74
CA GLY B 349 -9.85 -36.36 14.13
C GLY B 349 -9.13 -37.69 14.23
N TYR B 350 -9.31 -38.39 15.35
CA TYR B 350 -8.57 -39.62 15.58
C TYR B 350 -9.49 -40.85 15.59
N GLY B 351 -10.74 -40.66 15.19
CA GLY B 351 -11.70 -41.78 15.11
C GLY B 351 -11.44 -42.62 13.86
N GLU B 352 -11.84 -43.89 13.89
CA GLU B 352 -11.69 -44.68 12.67
C GLU B 352 -12.65 -44.14 11.59
N GLN B 353 -12.12 -43.97 10.39
CA GLN B 353 -12.89 -43.34 9.32
C GLN B 353 -13.99 -44.25 8.81
N SER B 354 -15.19 -43.70 8.69
CA SER B 354 -16.33 -44.40 8.09
C SER B 354 -16.19 -44.45 6.56
N ASP B 355 -16.81 -45.44 5.94
CA ASP B 355 -16.82 -45.52 4.49
C ASP B 355 -17.48 -44.27 3.89
N LYS B 356 -18.52 -43.79 4.55
CA LYS B 356 -19.21 -42.58 4.11
C LYS B 356 -18.26 -41.37 4.11
N PHE B 357 -17.49 -41.21 5.18
CA PHE B 357 -16.52 -40.11 5.26
C PHE B 357 -15.42 -40.25 4.21
N LYS B 358 -14.91 -41.46 4.00
CA LYS B 358 -13.92 -41.64 2.93
C LYS B 358 -14.46 -41.25 1.55
N THR B 359 -15.73 -41.55 1.29
CA THR B 359 -16.33 -41.20 -0.02
C THR B 359 -16.39 -39.68 -0.17
N TYR B 360 -16.78 -38.99 0.89
CA TYR B 360 -16.85 -37.53 0.91
C TYR B 360 -15.47 -36.92 0.63
N VAL B 361 -14.47 -37.39 1.39
CA VAL B 361 -13.09 -36.92 1.24
C VAL B 361 -12.58 -37.11 -0.19
N ALA B 362 -12.88 -38.24 -0.81
CA ALA B 362 -12.41 -38.48 -2.18
C ALA B 362 -13.12 -37.60 -3.21
N GLN B 363 -14.44 -37.43 -3.04
CA GLN B 363 -15.21 -36.64 -3.97
C GLN B 363 -14.83 -35.15 -3.88
N ARG B 364 -14.46 -34.70 -2.68
CA ARG B 364 -14.00 -33.32 -2.51
C ARG B 364 -12.53 -33.14 -2.84
N ALA B 365 -11.81 -34.26 -2.97
CA ALA B 365 -10.34 -34.28 -3.10
C ALA B 365 -9.68 -33.55 -1.94
N TYR B 366 -10.13 -33.83 -0.72
CA TYR B 366 -9.47 -33.25 0.45
C TYR B 366 -8.25 -34.07 0.86
N PHE B 367 -7.27 -33.37 1.39
CA PHE B 367 -6.07 -33.96 1.95
C PHE B 367 -6.02 -33.50 3.38
N LEU B 368 -6.60 -34.32 4.26
CA LEU B 368 -6.79 -33.93 5.65
C LEU B 368 -5.59 -34.30 6.53
N LYS B 369 -5.21 -33.38 7.41
CA LYS B 369 -4.15 -33.63 8.37
C LYS B 369 -4.77 -33.55 9.77
N ASN B 370 -4.16 -34.23 10.74
CA ASN B 370 -4.53 -33.96 12.12
C ASN B 370 -3.59 -32.89 12.72
N LEU B 371 -3.93 -32.43 13.92
CA LEU B 371 -3.22 -31.31 14.54
C LEU B 371 -1.78 -31.66 14.90
N LYS B 372 -1.51 -32.92 15.23
CA LYS B 372 -0.13 -33.35 15.44
C LYS B 372 0.74 -33.21 14.17
N GLU B 373 0.17 -33.60 13.03
CA GLU B 373 0.88 -33.48 11.77
C GLU B 373 1.12 -32.02 11.42
N ILE B 374 0.10 -31.17 11.65
CA ILE B 374 0.27 -29.73 11.39
C ILE B 374 1.40 -29.16 12.27
N ALA B 375 1.39 -29.50 13.56
CA ALA B 375 2.42 -29.02 14.48
C ALA B 375 3.79 -29.50 14.04
N ASP B 376 3.92 -30.76 13.62
CA ASP B 376 5.19 -31.27 13.15
C ASP B 376 5.70 -30.54 11.91
N ILE B 377 4.82 -30.31 10.93
CA ILE B 377 5.22 -29.58 9.73
C ILE B 377 5.67 -28.15 10.07
N ALA B 378 4.96 -27.50 11.00
CA ALA B 378 5.33 -26.15 11.42
C ALA B 378 6.70 -26.14 12.08
N ASN B 379 6.95 -27.11 12.96
CA ASN B 379 8.27 -27.23 13.55
C ASN B 379 9.38 -27.43 12.52
N LYS B 380 9.14 -28.31 11.54
CA LYS B 380 10.17 -28.60 10.54
C LYS B 380 10.44 -27.40 9.61
N THR B 381 9.46 -26.53 9.47
N THR B 381 9.45 -26.54 9.45
CA THR B 381 9.57 -25.38 8.57
CA THR B 381 9.61 -25.40 8.53
C THR B 381 10.35 -24.22 9.19
C THR B 381 10.17 -24.13 9.19
N GLY B 382 10.32 -24.15 10.52
CA GLY B 382 10.99 -23.06 11.24
C GLY B 382 10.11 -22.12 12.04
N PHE B 383 8.80 -22.34 12.02
CA PHE B 383 7.88 -21.51 12.81
C PHE B 383 8.12 -21.63 14.30
N VAL B 384 7.88 -20.55 15.03
CA VAL B 384 7.97 -20.54 16.50
C VAL B 384 6.66 -20.06 17.12
N ASN B 385 6.53 -20.19 18.44
CA ASN B 385 5.30 -19.79 19.14
C ASN B 385 4.05 -20.43 18.51
N VAL B 386 4.13 -21.72 18.22
CA VAL B 386 3.02 -22.42 17.60
C VAL B 386 1.86 -22.65 18.57
N GLN B 387 0.67 -22.29 18.16
CA GLN B 387 -0.53 -22.58 18.93
C GLN B 387 -1.48 -23.35 18.01
N THR B 388 -2.00 -24.47 18.50
CA THR B 388 -3.01 -25.21 17.75
C THR B 388 -4.23 -25.39 18.64
N GLU B 389 -5.40 -25.39 18.03
CA GLU B 389 -6.61 -25.56 18.79
C GLU B 389 -7.62 -26.38 18.00
N ASN B 390 -8.25 -27.32 18.70
CA ASN B 390 -9.34 -28.10 18.11
C ASN B 390 -10.63 -27.32 18.31
N MET B 391 -11.14 -26.72 17.23
CA MET B 391 -12.36 -25.91 17.30
C MET B 391 -13.59 -26.70 16.88
N THR B 392 -13.48 -28.02 16.92
CA THR B 392 -14.59 -28.87 16.49
C THR B 392 -15.91 -28.63 17.27
N PRO B 393 -15.82 -28.41 18.60
CA PRO B 393 -17.08 -28.07 19.27
C PRO B 393 -17.77 -26.83 18.70
N ARG B 394 -16.99 -25.81 18.34
CA ARG B 394 -17.58 -24.61 17.78
C ARG B 394 -18.14 -24.88 16.38
N PHE B 395 -17.43 -25.71 15.62
CA PHE B 395 -17.87 -26.11 14.26
C PHE B 395 -19.24 -26.80 14.34
N LYS B 396 -19.39 -27.70 15.31
CA LYS B 396 -20.68 -28.35 15.56
C LYS B 396 -21.77 -27.33 15.84
N GLU B 397 -21.52 -26.37 16.73
CA GLU B 397 -22.49 -25.30 16.99
C GLU B 397 -22.89 -24.55 15.73
N ILE B 398 -21.89 -24.20 14.93
CA ILE B 398 -22.13 -23.43 13.73
C ILE B 398 -22.94 -24.25 12.72
N LEU B 399 -22.56 -25.51 12.52
CA LEU B 399 -23.30 -26.38 11.62
C LEU B 399 -24.77 -26.48 12.02
N LEU B 400 -25.03 -26.67 13.31
CA LEU B 400 -26.41 -26.70 13.80
C LEU B 400 -27.17 -25.41 13.51
N GLU B 401 -26.52 -24.26 13.76
CA GLU B 401 -27.15 -22.96 13.53
C GLU B 401 -27.47 -22.77 12.05
N GLU B 402 -26.49 -23.10 11.20
CA GLU B 402 -26.65 -22.91 9.77
C GLU B 402 -27.74 -23.82 9.19
N ARG B 403 -27.75 -25.09 9.60
CA ARG B 403 -28.79 -26.01 9.16
C ARG B 403 -30.16 -25.52 9.65
N GLY B 404 -30.22 -25.07 10.90
CA GLY B 404 -31.46 -24.52 11.47
C GLY B 404 -31.97 -23.29 10.74
N HIS B 405 -31.05 -22.41 10.36
CA HIS B 405 -31.39 -21.21 9.61
C HIS B 405 -32.00 -21.55 8.28
N LEU B 406 -31.49 -22.57 7.62
CA LEU B 406 -32.06 -22.99 6.36
C LEU B 406 -33.41 -23.67 6.58
N GLU B 407 -33.47 -24.57 7.55
CA GLU B 407 -34.69 -25.35 7.82
C GLU B 407 -35.84 -24.44 8.25
N GLN B 408 -35.51 -23.26 8.78
CA GLN B 408 -36.53 -22.31 9.22
C GLN B 408 -36.82 -21.16 8.25
N ASN B 409 -36.18 -21.20 7.08
CA ASN B 409 -36.41 -20.18 6.06
C ASN B 409 -36.58 -20.78 4.68
N GLU B 410 -37.25 -21.92 4.62
CA GLU B 410 -37.44 -22.66 3.38
C GLU B 410 -38.08 -21.83 2.27
N ALA B 411 -39.13 -21.09 2.62
CA ALA B 411 -39.82 -20.24 1.66
C ALA B 411 -38.84 -19.31 0.95
N GLU B 412 -38.09 -18.54 1.74
CA GLU B 412 -37.12 -17.61 1.16
C GLU B 412 -36.10 -18.36 0.30
N PHE B 413 -35.52 -19.42 0.85
CA PHE B 413 -34.52 -20.18 0.11
C PHE B 413 -35.07 -20.80 -1.17
N MET B 414 -36.30 -21.32 -1.10
CA MET B 414 -36.91 -21.96 -2.26
C MET B 414 -37.25 -20.95 -3.36
N SER B 415 -37.32 -19.68 -3.00
CA SER B 415 -37.60 -18.63 -3.98
C SER B 415 -36.34 -18.22 -4.75
N LYS B 416 -35.19 -18.70 -4.32
CA LYS B 416 -33.92 -18.34 -4.95
C LYS B 416 -33.21 -19.56 -5.50
N PHE B 417 -33.52 -20.73 -4.95
CA PHE B 417 -32.79 -21.95 -5.28
C PHE B 417 -33.75 -23.10 -5.56
N THR B 418 -33.20 -24.24 -5.96
CA THR B 418 -34.00 -25.42 -6.25
C THR B 418 -34.15 -26.31 -5.01
N GLN B 419 -35.07 -27.28 -5.09
CA GLN B 419 -35.22 -28.28 -4.03
C GLN B 419 -33.94 -29.09 -3.93
N ARG B 420 -33.34 -29.38 -5.07
CA ARG B 420 -32.10 -30.15 -5.11
C ARG B 420 -30.97 -29.44 -4.34
N GLU B 421 -30.90 -28.13 -4.50
CA GLU B 421 -29.91 -27.32 -3.78
C GLU B 421 -30.22 -27.23 -2.28
N ARG B 422 -31.50 -27.06 -1.93
CA ARG B 422 -31.88 -27.11 -0.52
C ARG B 422 -31.51 -28.45 0.10
N ASP B 423 -31.86 -29.53 -0.59
CA ASP B 423 -31.60 -30.86 -0.07
C ASP B 423 -30.10 -31.11 0.11
N SER B 424 -29.27 -30.60 -0.80
CA SER B 424 -27.83 -30.89 -0.67
C SER B 424 -27.20 -30.11 0.47
N LEU B 425 -27.74 -28.92 0.78
CA LEU B 425 -27.25 -28.18 1.95
C LEU B 425 -27.69 -28.85 3.25
N ILE B 426 -28.97 -29.18 3.37
CA ILE B 426 -29.44 -29.85 4.58
C ILE B 426 -28.71 -31.18 4.81
N SER B 427 -28.65 -32.03 3.79
CA SER B 427 -28.01 -33.33 3.96
C SER B 427 -26.50 -33.20 4.16
N GLY B 428 -25.86 -32.25 3.46
CA GLY B 428 -24.41 -32.09 3.63
C GLY B 428 -24.04 -31.63 5.03
N TRP B 429 -24.86 -30.74 5.59
CA TRP B 429 -24.65 -30.25 6.94
C TRP B 429 -24.89 -31.35 7.96
N THR B 430 -25.96 -32.12 7.75
CA THR B 430 -26.25 -33.28 8.59
C THR B 430 -25.10 -34.30 8.47
N ASP B 431 -24.61 -34.51 7.26
CA ASP B 431 -23.48 -35.41 7.08
C ASP B 431 -22.28 -34.97 7.94
N LYS B 432 -21.94 -33.68 7.88
CA LYS B 432 -20.80 -33.19 8.63
C LYS B 432 -20.97 -33.34 10.15
N LEU B 433 -22.18 -33.10 10.64
CA LEU B 433 -22.48 -33.34 12.06
C LEU B 433 -22.21 -34.82 12.40
N GLY B 434 -22.61 -35.72 11.52
CA GLY B 434 -22.25 -37.13 11.71
C GLY B 434 -20.76 -37.42 11.70
N TYR B 435 -20.03 -36.79 10.79
CA TYR B 435 -18.59 -36.99 10.73
C TYR B 435 -17.90 -36.48 12.00
N ILE B 436 -18.46 -35.44 12.61
CA ILE B 436 -17.93 -34.92 13.87
C ILE B 436 -18.14 -35.94 15.00
N GLU B 437 -19.32 -36.54 15.05
CA GLU B 437 -19.63 -37.49 16.14
C GLU B 437 -18.75 -38.74 16.09
N LYS B 438 -18.28 -39.11 14.90
CA LYS B 438 -17.34 -40.23 14.75
C LYS B 438 -15.89 -39.82 14.93
N ASP B 439 -15.69 -38.53 15.26
CA ASP B 439 -14.36 -37.91 15.32
C ASP B 439 -13.55 -38.16 14.05
N ASN B 440 -14.26 -38.11 12.93
CA ASN B 440 -13.62 -38.15 11.61
C ASN B 440 -13.20 -36.74 11.11
N HIS B 441 -14.12 -35.79 11.25
CA HIS B 441 -13.98 -34.43 10.69
C HIS B 441 -13.76 -33.51 11.88
N ASN B 442 -12.69 -32.72 11.81
CA ASN B 442 -12.40 -31.74 12.85
C ASN B 442 -12.20 -30.38 12.18
N TRP B 443 -12.39 -29.31 12.96
CA TRP B 443 -12.12 -27.96 12.52
C TRP B 443 -10.95 -27.45 13.31
N ASN B 444 -9.80 -27.28 12.65
CA ASN B 444 -8.54 -27.04 13.33
C ASN B 444 -7.99 -25.63 13.13
N PHE B 445 -7.37 -25.10 14.17
CA PHE B 445 -6.78 -23.74 14.20
C PHE B 445 -5.28 -23.85 14.41
N PHE B 446 -4.54 -23.04 13.65
CA PHE B 446 -3.08 -23.00 13.71
C PHE B 446 -2.64 -21.54 13.66
N LEU B 447 -1.83 -21.13 14.62
CA LEU B 447 -1.28 -19.77 14.70
C LEU B 447 0.19 -19.88 15.05
N ALA B 448 1.06 -19.19 14.32
CA ALA B 448 2.48 -19.26 14.60
C ALA B 448 3.18 -18.00 14.09
N GLN B 449 4.48 -17.93 14.33
CA GLN B 449 5.26 -16.72 14.03
C GLN B 449 6.57 -17.08 13.35
N LYS B 450 7.01 -16.26 12.40
CA LYS B 450 8.35 -16.37 11.88
C LYS B 450 9.28 -15.72 12.91
N PRO B 451 10.38 -16.39 13.27
CA PRO B 451 11.17 -15.80 14.34
C PRO B 451 11.75 -14.42 14.01
N PHE B 452 11.94 -13.61 15.04
CA PHE B 452 12.77 -12.41 14.97
C PHE B 452 14.24 -12.85 14.99
#